data_6FE3
#
_entry.id   6FE3
#
_cell.length_a   115.530
_cell.length_b   114.820
_cell.length_c   68.310
_cell.angle_alpha   90.00
_cell.angle_beta   108.25
_cell.angle_gamma   90.00
#
_symmetry.space_group_name_H-M   'C 1 2 1'
#
loop_
_entity.id
_entity.type
_entity.pdbx_description
1 polymer Phosphodiesterase
2 non-polymer GUANIDINE
3 non-polymer 1-(2-{4-[(4aS,8aR)-4-[3,4-bis(difluoromethoxy)phenyl]-1-oxo-1,2,4a,5,8,8a-hexahydrophthalazin-2-yl]piperidin-1-yl}-2-oxoethyl)-4,4-dimethylpiperidine-2,6-dione
4 non-polymer 'ZINC ION'
5 non-polymer 'MAGNESIUM ION'
6 non-polymer 'FORMIC ACID'
7 non-polymer GLYCEROL
8 water water
#
_entity_poly.entity_id   1
_entity_poly.type   'polypeptide(L)'
_entity_poly.pdbx_seq_one_letter_code
;GSHMASELNEHRATLFNKNVPSRAVKRVTAITKVEREAVLVCELPSFDVTDVEFDLFRARESTDKPLDVAAAIAYRLLLG
SGLPQKFGCSDEVLLNFILQCRKKYRNVPYHNFYHVVDVCQTIHTFLYRGNVYEKLTELECFVLLITALVHDLDHMGLNN
SFYLKTESPLGILSSASGNTSVLEVHHCNLAVEILSDPESDVFDGLEGAERTLAFRSMIDCVLATDMAKHGSALEAFLAS
AADQSSDEAAFHRMTMEIILKAGDISNVTKPFDISRQWAMAVTEEFYRQGDMEKERGVEVLPMFDRSKNMELAKGQIGFI
DFVAAPFFQKIVDACLQGMQWTVDRIKSNRAQWERVLETR
;
_entity_poly.pdbx_strand_id   A,B
#
loop_
_chem_comp.id
_chem_comp.type
_chem_comp.name
_chem_comp.formula
D68 non-polymer 1-(2-{4-[(4aS,8aR)-4-[3,4-bis(difluoromethoxy)phenyl]-1-oxo-1,2,4a,5,8,8a-hexahydrophthalazin-2-yl]piperidin-1-yl}-2-oxoethyl)-4,4-dimethylpiperidine-2,6-dione 'C30 H34 F4 N4 O6'
FMT non-polymer 'FORMIC ACID' 'C H2 O2'
GAI non-polymer GUANIDINE 'C H5 N3'
GOL non-polymer GLYCEROL 'C3 H8 O3'
MG non-polymer 'MAGNESIUM ION' 'Mg 2'
ZN non-polymer 'ZINC ION' 'Zn 2'
#
# COMPACT_ATOMS: atom_id res chain seq x y z
N VAL A 28 41.66 13.24 10.12
CA VAL A 28 40.32 13.07 10.79
C VAL A 28 40.51 12.93 12.32
N THR A 29 39.72 13.66 13.09
CA THR A 29 39.70 13.51 14.54
C THR A 29 39.07 12.18 14.96
N ALA A 30 39.74 11.45 15.85
CA ALA A 30 39.25 10.14 16.32
C ALA A 30 37.86 10.20 16.95
N ILE A 31 37.04 9.17 16.69
CA ILE A 31 35.73 9.03 17.33
C ILE A 31 35.99 8.63 18.80
N THR A 32 35.24 9.23 19.72
CA THR A 32 35.37 8.96 21.17
C THR A 32 34.54 7.81 21.66
N LYS A 33 34.93 7.26 22.82
CA LYS A 33 34.14 6.27 23.55
C LYS A 33 32.70 6.73 23.81
N VAL A 34 32.53 7.99 24.15
CA VAL A 34 31.22 8.55 24.48
C VAL A 34 30.30 8.63 23.25
N GLU A 35 30.88 9.02 22.12
CA GLU A 35 30.15 9.00 20.83
C GLU A 35 29.68 7.58 20.51
N ARG A 36 30.55 6.59 20.63
CA ARG A 36 30.13 5.18 20.40
C ARG A 36 29.03 4.73 21.31
N GLU A 37 29.15 5.07 22.61
CA GLU A 37 28.21 4.57 23.59
C GLU A 37 26.80 5.08 23.33
N ALA A 38 26.73 6.33 22.89
CA ALA A 38 25.47 6.95 22.57
C ALA A 38 24.72 6.23 21.44
N VAL A 39 25.45 5.54 20.54
CA VAL A 39 24.77 4.72 19.51
C VAL A 39 24.44 3.38 20.15
N LEU A 40 25.40 2.85 20.90
CA LEU A 40 25.27 1.49 21.45
C LEU A 40 24.08 1.34 22.44
N VAL A 41 23.73 2.41 23.13
CA VAL A 41 22.52 2.37 24.00
C VAL A 41 21.19 2.29 23.25
N CYS A 42 21.15 2.54 21.92
CA CYS A 42 19.87 2.55 21.22
C CYS A 42 19.47 1.12 20.89
N GLU A 43 18.31 0.69 21.38
CA GLU A 43 17.91 -0.70 21.18
C GLU A 43 16.93 -0.98 20.02
N LEU A 44 16.32 0.08 19.48
CA LEU A 44 15.40 -0.07 18.35
C LEU A 44 14.23 -1.02 18.61
N PRO A 45 13.66 -0.97 19.84
CA PRO A 45 12.54 -1.87 20.13
C PRO A 45 11.40 -1.63 19.12
N SER A 46 10.81 -2.73 18.66
CA SER A 46 9.68 -2.73 17.73
C SER A 46 10.05 -2.49 16.25
N PHE A 47 11.34 -2.42 15.90
CA PHE A 47 11.71 -2.21 14.47
C PHE A 47 12.39 -3.48 13.99
N ASP A 48 12.10 -3.87 12.75
CA ASP A 48 12.84 -4.91 12.04
C ASP A 48 13.55 -4.18 10.89
N VAL A 49 14.84 -3.91 11.08
CA VAL A 49 15.65 -3.13 10.13
C VAL A 49 15.80 -3.87 8.84
N THR A 50 15.54 -5.17 8.81
CA THR A 50 15.63 -5.94 7.55
C THR A 50 14.42 -5.91 6.66
N ASP A 51 13.29 -5.33 7.12
CA ASP A 51 12.01 -5.51 6.45
C ASP A 51 11.80 -4.46 5.35
N VAL A 52 11.10 -4.82 4.28
CA VAL A 52 10.85 -3.85 3.19
C VAL A 52 9.90 -2.74 3.58
N GLU A 53 9.15 -2.95 4.66
CA GLU A 53 8.23 -1.93 5.14
C GLU A 53 8.77 -1.19 6.34
N PHE A 54 10.03 -1.42 6.66
CA PHE A 54 10.67 -0.63 7.69
C PHE A 54 10.52 0.88 7.46
N ASP A 55 10.16 1.58 8.52
CA ASP A 55 9.84 3.02 8.47
C ASP A 55 10.88 3.85 9.22
N LEU A 56 11.84 4.41 8.49
CA LEU A 56 12.87 5.24 9.09
C LEU A 56 12.32 6.54 9.74
N PHE A 57 11.29 7.11 9.15
CA PHE A 57 10.67 8.31 9.74
C PHE A 57 10.07 7.99 11.14
N ARG A 58 9.44 6.84 11.25
CA ARG A 58 8.91 6.37 12.57
C ARG A 58 10.03 6.12 13.52
N ALA A 59 11.12 5.53 13.01
CA ALA A 59 12.33 5.44 13.84
C ALA A 59 12.88 6.75 14.35
N ARG A 60 12.97 7.75 13.49
CA ARG A 60 13.47 9.03 13.89
C ARG A 60 12.48 9.70 14.88
N GLU A 61 11.20 9.51 14.68
CA GLU A 61 10.23 10.10 15.65
C GLU A 61 10.21 9.41 17.02
N SER A 62 10.79 8.23 17.10
CA SER A 62 10.74 7.42 18.30
C SER A 62 11.60 7.89 19.48
N THR A 63 12.52 8.79 19.27
CA THR A 63 13.41 9.22 20.34
C THR A 63 13.80 10.62 20.03
N ASP A 64 14.43 11.24 21.01
CA ASP A 64 14.90 12.59 20.86
C ASP A 64 16.34 12.62 20.37
N LYS A 65 16.94 11.45 20.04
CA LYS A 65 18.32 11.39 19.48
C LYS A 65 18.29 10.65 18.10
N PRO A 66 17.60 11.22 17.14
CA PRO A 66 17.39 10.49 15.87
C PRO A 66 18.71 10.18 15.11
N LEU A 67 19.71 11.03 15.30
CA LEU A 67 21.01 10.77 14.72
C LEU A 67 21.66 9.51 15.28
N ASP A 68 21.46 9.28 16.57
CA ASP A 68 21.97 8.05 17.21
C ASP A 68 21.21 6.82 16.78
N VAL A 69 19.89 6.93 16.74
CA VAL A 69 19.05 5.85 16.26
C VAL A 69 19.43 5.47 14.81
N ALA A 70 19.61 6.47 13.97
CA ALA A 70 19.98 6.23 12.55
C ALA A 70 21.30 5.51 12.49
N ALA A 71 22.29 6.02 13.27
CA ALA A 71 23.57 5.29 13.33
C ALA A 71 23.43 3.86 13.80
N ALA A 72 22.56 3.63 14.79
CA ALA A 72 22.33 2.28 15.31
C ALA A 72 21.66 1.35 14.30
N ILE A 73 20.79 1.93 13.49
CA ILE A 73 20.17 1.18 12.38
C ILE A 73 21.31 0.74 11.42
N ALA A 74 22.14 1.65 11.01
CA ALA A 74 23.22 1.28 10.08
C ALA A 74 24.16 0.23 10.71
N TYR A 75 24.47 0.42 11.99
CA TYR A 75 25.34 -0.53 12.69
C TYR A 75 24.73 -1.95 12.75
N ARG A 76 23.46 -2.01 13.07
CA ARG A 76 22.77 -3.27 13.14
C ARG A 76 22.64 -3.96 11.79
N LEU A 77 22.39 -3.17 10.74
CA LEU A 77 22.29 -3.75 9.39
C LEU A 77 23.63 -4.39 9.04
N LEU A 78 24.73 -3.66 9.32
CA LEU A 78 26.03 -4.15 8.87
C LEU A 78 26.46 -5.38 9.67
N LEU A 79 26.25 -5.36 10.99
CA LEU A 79 26.58 -6.57 11.78
C LEU A 79 25.70 -7.73 11.47
N GLY A 80 24.42 -7.48 11.25
CA GLY A 80 23.43 -8.53 10.94
C GLY A 80 23.67 -9.23 9.62
N SER A 81 24.34 -8.56 8.69
CA SER A 81 24.71 -9.21 7.45
C SER A 81 25.76 -10.31 7.65
N GLY A 82 26.52 -10.17 8.74
CA GLY A 82 27.64 -11.05 9.06
C GLY A 82 28.90 -10.72 8.29
N LEU A 83 28.88 -9.63 7.50
CA LEU A 83 29.96 -9.39 6.58
C LEU A 83 31.23 -8.73 7.18
N PRO A 84 31.08 -7.73 8.02
CA PRO A 84 32.29 -7.05 8.54
C PRO A 84 33.24 -7.97 9.24
N GLN A 85 32.67 -8.87 10.04
CA GLN A 85 33.39 -9.91 10.78
C GLN A 85 34.26 -10.75 9.79
N LYS A 86 33.67 -11.12 8.67
CA LYS A 86 34.34 -11.90 7.67
C LYS A 86 35.54 -11.25 7.04
N PHE A 87 35.57 -9.92 7.03
CA PHE A 87 36.63 -9.17 6.38
C PHE A 87 37.53 -8.45 7.36
N GLY A 88 37.57 -8.96 8.59
CA GLY A 88 38.49 -8.41 9.56
C GLY A 88 38.14 -7.03 10.07
N CYS A 89 36.87 -6.63 9.95
CA CYS A 89 36.45 -5.32 10.43
C CYS A 89 35.79 -5.52 11.79
N SER A 90 36.39 -4.95 12.84
CA SER A 90 35.86 -5.09 14.19
C SER A 90 34.63 -4.27 14.36
N ASP A 91 33.85 -4.60 15.40
CA ASP A 91 32.69 -3.79 15.76
C ASP A 91 33.03 -2.34 16.01
N GLU A 92 34.18 -2.08 16.62
CA GLU A 92 34.49 -0.73 16.95
C GLU A 92 34.88 0.10 15.71
N VAL A 93 35.65 -0.50 14.81
CA VAL A 93 36.07 0.18 13.61
C VAL A 93 34.82 0.41 12.76
N LEU A 94 33.87 -0.55 12.71
CA LEU A 94 32.64 -0.32 11.96
C LEU A 94 31.90 0.88 12.49
N LEU A 95 31.73 0.90 13.81
CA LEU A 95 31.01 1.99 14.43
C LEU A 95 31.75 3.32 14.22
N ASN A 96 33.07 3.32 14.34
CA ASN A 96 33.86 4.50 14.11
C ASN A 96 33.60 5.10 12.68
N PHE A 97 33.65 4.18 11.68
CA PHE A 97 33.35 4.54 10.32
C PHE A 97 31.99 5.17 10.18
N ILE A 98 30.97 4.51 10.73
CA ILE A 98 29.62 5.04 10.69
C ILE A 98 29.55 6.48 11.23
N LEU A 99 30.17 6.70 12.39
CA LEU A 99 30.15 8.04 13.01
C LEU A 99 31.00 9.06 12.26
N GLN A 100 32.11 8.64 11.65
CA GLN A 100 32.85 9.55 10.79
C GLN A 100 32.02 9.96 9.53
N CYS A 101 31.24 9.03 8.96
CA CYS A 101 30.35 9.38 7.88
C CYS A 101 29.30 10.39 8.41
N ARG A 102 28.73 10.06 9.57
CA ARG A 102 27.64 10.87 10.12
C ARG A 102 28.08 12.33 10.30
N LYS A 103 29.28 12.53 10.81
CA LYS A 103 29.81 13.93 11.01
C LYS A 103 29.93 14.76 9.76
N LYS A 104 29.97 14.14 8.58
CA LYS A 104 30.08 14.89 7.34
C LYS A 104 28.78 15.06 6.55
N TYR A 105 27.65 14.71 7.14
CA TYR A 105 26.34 15.06 6.57
C TYR A 105 25.87 16.38 7.17
N ARG A 106 25.15 17.14 6.40
CA ARG A 106 24.78 18.48 6.78
C ARG A 106 23.31 18.42 7.12
N ASN A 107 22.87 19.47 7.78
CA ASN A 107 21.49 19.61 8.14
C ASN A 107 20.74 20.23 6.96
N VAL A 108 20.52 19.45 5.91
CA VAL A 108 19.69 19.83 4.75
C VAL A 108 18.46 18.97 4.75
N PRO A 109 17.44 19.36 3.99
CA PRO A 109 16.16 18.66 4.13
C PRO A 109 16.15 17.18 3.65
N TYR A 110 16.91 16.85 2.58
CA TYR A 110 16.86 15.51 1.95
C TYR A 110 18.22 14.77 2.00
N HIS A 111 19.25 15.43 1.48
CA HIS A 111 20.62 14.81 1.43
C HIS A 111 21.41 14.95 2.73
N ASN A 112 20.83 14.40 3.77
CA ASN A 112 21.35 14.36 5.11
C ASN A 112 21.67 12.91 5.49
N PHE A 113 22.09 12.68 6.74
CA PHE A 113 22.41 11.32 7.17
C PHE A 113 21.28 10.30 7.01
N TYR A 114 20.02 10.72 7.19
CA TYR A 114 18.94 9.79 7.13
C TYR A 114 18.79 9.26 5.69
N HIS A 115 19.05 10.08 4.67
CA HIS A 115 19.01 9.54 3.31
C HIS A 115 20.00 8.39 3.11
N VAL A 116 21.20 8.54 3.65
CA VAL A 116 22.22 7.47 3.37
C VAL A 116 21.96 6.26 4.16
N VAL A 117 21.46 6.41 5.37
CA VAL A 117 21.03 5.25 6.14
C VAL A 117 19.86 4.54 5.47
N ASP A 118 18.90 5.32 4.94
CA ASP A 118 17.80 4.78 4.20
C ASP A 118 18.35 3.97 3.01
N VAL A 119 19.32 4.55 2.30
CA VAL A 119 19.86 3.82 1.10
C VAL A 119 20.53 2.52 1.53
N CYS A 120 21.29 2.56 2.65
CA CYS A 120 21.96 1.39 3.20
C CYS A 120 20.92 0.31 3.51
N GLN A 121 19.82 0.70 4.20
CA GLN A 121 18.76 -0.25 4.61
C GLN A 121 18.04 -0.81 3.39
N THR A 122 17.83 0.06 2.40
CA THR A 122 17.13 -0.30 1.19
C THR A 122 17.98 -1.30 0.41
N ILE A 123 19.23 -0.97 0.28
CA ILE A 123 20.19 -1.95 -0.39
C ILE A 123 20.22 -3.31 0.28
N HIS A 124 20.21 -3.30 1.59
CA HIS A 124 20.15 -4.54 2.36
C HIS A 124 18.93 -5.35 1.96
N THR A 125 17.77 -4.68 1.85
CA THR A 125 16.61 -5.42 1.35
C THR A 125 16.72 -5.93 -0.06
N PHE A 126 17.31 -5.13 -0.97
CA PHE A 126 17.46 -5.63 -2.35
C PHE A 126 18.40 -6.86 -2.34
N LEU A 127 19.50 -6.77 -1.60
CA LEU A 127 20.49 -7.91 -1.57
C LEU A 127 19.84 -9.18 -0.95
N TYR A 128 19.12 -9.00 0.13
CA TYR A 128 18.71 -10.16 0.93
C TYR A 128 17.23 -10.52 0.80
N ARG A 129 16.33 -9.55 0.73
CA ARG A 129 14.94 -9.93 0.43
C ARG A 129 14.77 -10.15 -1.06
N GLY A 130 15.52 -9.42 -1.89
CA GLY A 130 15.42 -9.54 -3.31
C GLY A 130 16.37 -10.53 -3.94
N ASN A 131 17.20 -11.13 -3.11
CA ASN A 131 18.12 -12.16 -3.51
C ASN A 131 19.20 -11.71 -4.49
N VAL A 132 19.43 -10.42 -4.58
CA VAL A 132 20.53 -9.94 -5.42
C VAL A 132 21.91 -10.33 -4.86
N TYR A 133 22.01 -10.69 -3.59
CA TYR A 133 23.27 -11.21 -3.00
C TYR A 133 23.81 -12.37 -3.84
N GLU A 134 22.89 -13.13 -4.46
CA GLU A 134 23.28 -14.30 -5.26
C GLU A 134 24.14 -13.94 -6.46
N LYS A 135 24.09 -12.70 -6.89
CA LYS A 135 24.82 -12.28 -8.08
C LYS A 135 26.24 -11.72 -7.76
N LEU A 136 26.51 -11.54 -6.46
CA LEU A 136 27.70 -10.80 -6.02
C LEU A 136 28.49 -11.62 -4.99
N THR A 137 29.77 -11.29 -4.83
CA THR A 137 30.56 -11.93 -3.82
C THR A 137 30.15 -11.33 -2.47
N GLU A 138 30.57 -11.94 -1.37
CA GLU A 138 30.33 -11.41 -0.07
C GLU A 138 31.01 -10.03 0.05
N LEU A 139 32.23 -9.93 -0.46
CA LEU A 139 32.96 -8.64 -0.41
C LEU A 139 32.19 -7.54 -1.10
N GLU A 140 31.68 -7.83 -2.29
CA GLU A 140 30.84 -6.88 -3.02
C GLU A 140 29.61 -6.44 -2.23
N CYS A 141 28.93 -7.37 -1.56
CA CYS A 141 27.80 -7.02 -0.72
C CYS A 141 28.22 -6.09 0.41
N PHE A 142 29.37 -6.41 1.05
CA PHE A 142 29.90 -5.60 2.09
C PHE A 142 30.24 -4.19 1.58
N VAL A 143 30.90 -4.12 0.43
CA VAL A 143 31.21 -2.81 -0.18
C VAL A 143 29.96 -2.00 -0.45
N LEU A 144 28.92 -2.61 -0.97
CA LEU A 144 27.70 -1.88 -1.26
C LEU A 144 27.07 -1.29 -0.06
N LEU A 145 26.98 -2.06 1.04
CA LEU A 145 26.43 -1.56 2.28
C LEU A 145 27.22 -0.36 2.83
N ILE A 146 28.52 -0.45 2.80
CA ILE A 146 29.41 0.61 3.26
C ILE A 146 29.32 1.83 2.33
N THR A 147 29.24 1.53 1.02
CA THR A 147 29.22 2.62 0.03
C THR A 147 27.96 3.48 0.20
N ALA A 148 26.85 2.84 0.54
CA ALA A 148 25.64 3.61 0.81
C ALA A 148 25.89 4.75 1.77
N LEU A 149 26.64 4.48 2.78
CA LEU A 149 26.86 5.49 3.82
C LEU A 149 27.78 6.61 3.40
N VAL A 150 28.64 6.39 2.40
CA VAL A 150 29.52 7.44 1.93
C VAL A 150 29.01 8.23 0.72
N HIS A 151 27.91 7.82 0.08
CA HIS A 151 27.71 8.12 -1.30
C HIS A 151 27.26 9.57 -1.55
N ASP A 152 26.83 10.24 -0.48
CA ASP A 152 26.49 11.70 -0.51
C ASP A 152 27.24 12.61 0.47
N LEU A 153 28.41 12.18 0.90
CA LEU A 153 29.12 12.88 1.94
C LEU A 153 29.26 14.38 1.62
N ASP A 154 28.90 15.20 2.58
CA ASP A 154 29.04 16.68 2.54
C ASP A 154 28.20 17.33 1.46
N HIS A 155 27.10 16.68 1.06
CA HIS A 155 26.12 17.32 0.22
C HIS A 155 25.62 18.58 0.89
N MET A 156 25.45 19.65 0.12
CA MET A 156 24.97 20.94 0.71
C MET A 156 23.55 21.29 0.25
N GLY A 157 22.85 20.31 -0.27
CA GLY A 157 21.52 20.50 -0.81
C GLY A 157 21.40 21.22 -2.14
N LEU A 158 22.48 21.27 -2.90
CA LEU A 158 22.56 21.89 -4.22
C LEU A 158 23.09 20.84 -5.18
N ASN A 159 22.49 20.73 -6.34
CA ASN A 159 22.90 19.70 -7.35
C ASN A 159 24.07 20.16 -8.20
N ASN A 160 24.56 19.27 -9.05
CA ASN A 160 25.78 19.62 -9.81
C ASN A 160 25.56 20.84 -10.67
N SER A 161 24.39 20.90 -11.31
CA SER A 161 24.02 22.05 -12.11
C SER A 161 24.16 23.41 -11.42
N PHE A 162 23.82 23.50 -10.14
CA PHE A 162 23.97 24.70 -9.41
C PHE A 162 25.42 25.22 -9.43
N TYR A 163 26.36 24.30 -9.18
CA TYR A 163 27.76 24.67 -9.11
C TYR A 163 28.26 25.11 -10.47
N LEU A 164 27.84 24.45 -11.55
CA LEU A 164 28.27 24.82 -12.87
C LEU A 164 27.67 26.17 -13.30
N LYS A 165 26.38 26.37 -13.04
CA LYS A 165 25.68 27.55 -13.51
C LYS A 165 26.21 28.78 -12.85
N THR A 166 26.51 28.70 -11.57
CA THR A 166 26.93 29.84 -10.78
C THR A 166 28.46 30.09 -10.88
N GLU A 167 29.21 29.26 -11.62
CA GLU A 167 30.69 29.28 -11.64
C GLU A 167 31.23 29.38 -10.23
N SER A 168 30.70 28.52 -9.34
CA SER A 168 31.22 28.42 -8.01
C SER A 168 32.63 27.80 -8.11
N PRO A 169 33.48 27.96 -7.08
CA PRO A 169 34.85 27.37 -7.19
C PRO A 169 34.90 25.87 -7.45
N LEU A 170 34.00 25.13 -6.84
CA LEU A 170 33.98 23.69 -7.04
C LEU A 170 33.57 23.36 -8.47
N GLY A 171 32.66 24.15 -9.00
CA GLY A 171 32.24 24.01 -10.40
C GLY A 171 33.35 24.30 -11.39
N ILE A 172 34.10 25.36 -11.11
CA ILE A 172 35.27 25.72 -11.95
C ILE A 172 36.31 24.59 -11.97
N LEU A 173 36.58 24.06 -10.78
CA LEU A 173 37.51 22.92 -10.64
C LEU A 173 37.10 21.71 -11.42
N SER A 174 35.80 21.36 -11.28
CA SER A 174 35.28 20.23 -12.05
C SER A 174 35.46 20.44 -13.55
N SER A 175 35.06 21.61 -14.04
CA SER A 175 35.22 21.90 -15.46
C SER A 175 36.68 21.91 -15.84
N ALA A 176 37.55 22.52 -15.01
CA ALA A 176 39.00 22.61 -15.39
C ALA A 176 39.61 21.25 -15.43
N SER A 177 39.19 20.34 -14.54
CA SER A 177 39.80 19.02 -14.41
C SER A 177 39.14 17.96 -15.26
N GLY A 178 38.06 18.32 -15.92
CA GLY A 178 37.41 17.45 -16.89
C GLY A 178 36.40 16.45 -16.35
N ASN A 179 35.80 16.72 -15.20
CA ASN A 179 34.79 15.79 -14.69
C ASN A 179 33.69 16.62 -14.10
N THR A 180 32.56 16.57 -14.81
CA THR A 180 31.32 17.27 -14.53
C THR A 180 30.50 16.68 -13.39
N SER A 181 30.89 15.50 -12.87
CA SER A 181 30.15 14.97 -11.72
C SER A 181 30.66 15.64 -10.47
N VAL A 182 30.33 16.91 -10.31
CA VAL A 182 30.92 17.76 -9.28
C VAL A 182 30.86 17.18 -7.86
N LEU A 183 29.65 16.82 -7.47
CA LEU A 183 29.44 16.32 -6.14
C LEU A 183 30.02 14.91 -5.93
N GLU A 184 29.78 14.04 -6.89
CA GLU A 184 30.17 12.64 -6.76
C GLU A 184 31.67 12.49 -6.56
N VAL A 185 32.48 13.27 -7.29
CA VAL A 185 33.92 13.24 -7.06
C VAL A 185 34.22 13.75 -5.64
N HIS A 186 33.51 14.80 -5.19
CA HIS A 186 33.68 15.29 -3.83
C HIS A 186 33.37 14.26 -2.79
N HIS A 187 32.25 13.52 -2.95
CA HIS A 187 31.93 12.48 -2.00
C HIS A 187 33.02 11.42 -1.95
N CYS A 188 33.58 11.03 -3.10
CA CYS A 188 34.62 10.00 -3.15
C CYS A 188 35.87 10.48 -2.39
N ASN A 189 36.19 11.74 -2.57
CA ASN A 189 37.30 12.36 -1.82
C ASN A 189 37.20 12.23 -0.34
N LEU A 190 36.04 12.50 0.20
CA LEU A 190 35.82 12.41 1.60
C LEU A 190 35.74 11.00 2.07
N ALA A 191 35.28 10.08 1.21
CA ALA A 191 35.22 8.67 1.60
C ALA A 191 36.65 8.17 1.76
N VAL A 192 37.52 8.53 0.83
CA VAL A 192 38.95 8.07 0.88
C VAL A 192 39.64 8.63 2.14
N GLU A 193 39.30 9.86 2.52
CA GLU A 193 39.87 10.47 3.73
C GLU A 193 39.47 9.68 4.97
N ILE A 194 38.18 9.34 5.09
CA ILE A 194 37.74 8.52 6.20
C ILE A 194 38.46 7.20 6.28
N LEU A 195 38.57 6.52 5.14
CA LEU A 195 39.19 5.23 5.10
C LEU A 195 40.75 5.26 5.24
N SER A 196 41.34 6.45 5.22
CA SER A 196 42.83 6.56 5.30
C SER A 196 43.38 6.37 6.75
N ASP A 197 42.50 6.38 7.72
CA ASP A 197 42.80 6.11 9.13
C ASP A 197 42.36 4.69 9.46
N PRO A 198 43.28 3.81 9.90
CA PRO A 198 42.89 2.42 10.27
C PRO A 198 41.74 2.34 11.25
N GLU A 199 41.60 3.32 12.13
CA GLU A 199 40.55 3.32 13.15
C GLU A 199 39.14 3.45 12.56
N SER A 200 39.03 3.93 11.30
CA SER A 200 37.71 4.00 10.65
C SER A 200 37.77 3.38 9.28
N ASP A 201 38.76 2.53 9.01
CA ASP A 201 38.84 1.90 7.71
C ASP A 201 38.21 0.50 7.80
N VAL A 202 36.96 0.41 7.31
CA VAL A 202 36.26 -0.91 7.26
C VAL A 202 36.87 -1.90 6.31
N PHE A 203 37.85 -1.42 5.50
CA PHE A 203 38.57 -2.27 4.55
C PHE A 203 39.98 -2.61 5.03
N ASP A 204 40.32 -2.22 6.24
CA ASP A 204 41.70 -2.45 6.73
C ASP A 204 42.05 -3.93 6.80
N GLY A 205 41.08 -4.82 6.92
CA GLY A 205 41.35 -6.24 6.91
C GLY A 205 41.62 -6.86 5.58
N LEU A 206 41.56 -6.05 4.53
CA LEU A 206 41.86 -6.44 3.17
C LEU A 206 43.22 -6.00 2.70
N GLU A 207 43.78 -6.75 1.76
CA GLU A 207 45.02 -6.35 1.11
C GLU A 207 45.07 -6.80 -0.33
N GLY A 208 46.03 -6.24 -1.05
CA GLY A 208 46.21 -6.64 -2.40
C GLY A 208 44.96 -6.36 -3.23
N ALA A 209 44.67 -7.31 -4.12
CA ALA A 209 43.57 -7.22 -5.07
C ALA A 209 42.22 -6.97 -4.44
N GLU A 210 41.95 -7.59 -3.31
CA GLU A 210 40.69 -7.43 -2.66
C GLU A 210 40.52 -6.00 -2.16
N ARG A 211 41.55 -5.46 -1.51
CA ARG A 211 41.47 -4.05 -1.11
C ARG A 211 41.33 -3.12 -2.30
N THR A 212 42.07 -3.33 -3.37
CA THR A 212 41.88 -2.52 -4.57
C THR A 212 40.45 -2.61 -5.11
N LEU A 213 39.89 -3.81 -5.13
CA LEU A 213 38.51 -3.99 -5.60
C LEU A 213 37.55 -3.26 -4.72
N ALA A 214 37.73 -3.30 -3.39
CA ALA A 214 36.85 -2.60 -2.49
C ALA A 214 36.82 -1.10 -2.73
N PHE A 215 38.01 -0.49 -2.84
CA PHE A 215 38.06 0.94 -3.15
C PHE A 215 37.56 1.27 -4.56
N ARG A 216 37.98 0.55 -5.58
CA ARG A 216 37.55 0.88 -6.93
C ARG A 216 36.04 0.75 -7.10
N SER A 217 35.48 -0.36 -6.54
CA SER A 217 34.05 -0.62 -6.66
C SER A 217 33.27 0.43 -5.89
N MET A 218 33.75 0.82 -4.72
CA MET A 218 33.06 1.85 -3.97
C MET A 218 33.05 3.14 -4.80
N ILE A 219 34.21 3.55 -5.29
CA ILE A 219 34.28 4.79 -6.08
C ILE A 219 33.42 4.69 -7.41
N ASP A 220 33.55 3.60 -8.14
CA ASP A 220 32.75 3.39 -9.37
C ASP A 220 31.25 3.58 -9.04
N CYS A 221 30.80 2.96 -7.97
CA CYS A 221 29.40 3.05 -7.57
C CYS A 221 28.98 4.50 -7.25
N VAL A 222 29.78 5.20 -6.46
CA VAL A 222 29.48 6.58 -6.16
C VAL A 222 29.43 7.45 -7.43
N LEU A 223 30.42 7.29 -8.32
CA LEU A 223 30.45 8.03 -9.54
C LEU A 223 29.21 7.75 -10.40
N ALA A 224 28.68 6.51 -10.35
CA ALA A 224 27.52 6.14 -11.13
C ALA A 224 26.20 6.69 -10.59
N THR A 225 26.22 7.31 -9.43
CA THR A 225 24.99 7.94 -8.89
C THR A 225 24.66 9.26 -9.54
N ASP A 226 25.56 9.84 -10.36
CA ASP A 226 25.23 11.07 -11.08
C ASP A 226 24.07 10.82 -12.07
N MET A 227 22.92 11.43 -11.84
CA MET A 227 21.73 11.17 -12.66
C MET A 227 21.89 11.58 -14.10
N ALA A 228 22.92 12.39 -14.42
CA ALA A 228 23.21 12.67 -15.79
C ALA A 228 23.67 11.45 -16.57
N LYS A 229 24.16 10.43 -15.88
CA LYS A 229 24.62 9.18 -16.48
C LYS A 229 23.58 8.06 -16.33
N HIS A 230 22.37 8.41 -15.91
CA HIS A 230 21.37 7.38 -15.60
C HIS A 230 21.11 6.46 -16.81
N GLY A 231 20.78 7.05 -17.96
CA GLY A 231 20.41 6.23 -19.10
C GLY A 231 21.55 5.37 -19.59
N SER A 232 22.77 5.92 -19.58
CA SER A 232 23.92 5.13 -20.06
C SER A 232 24.25 3.98 -19.12
N ALA A 233 24.20 4.23 -17.80
CA ALA A 233 24.38 3.21 -16.79
C ALA A 233 23.34 2.09 -16.93
N LEU A 234 22.09 2.46 -17.06
CA LEU A 234 21.07 1.47 -17.20
C LEU A 234 21.22 0.64 -18.48
N GLU A 235 21.50 1.30 -19.58
CA GLU A 235 21.64 0.62 -20.86
C GLU A 235 22.83 -0.34 -20.83
N ALA A 236 23.96 0.06 -20.25
CA ALA A 236 25.12 -0.85 -20.12
C ALA A 236 24.79 -2.08 -19.28
N PHE A 237 24.17 -1.88 -18.14
CA PHE A 237 23.76 -3.00 -17.32
C PHE A 237 22.87 -3.96 -18.06
N LEU A 238 21.85 -3.45 -18.71
CA LEU A 238 20.92 -4.29 -19.43
C LEU A 238 21.60 -5.08 -20.56
N ALA A 239 22.59 -4.46 -21.22
CA ALA A 239 23.28 -5.16 -22.31
C ALA A 239 24.17 -6.23 -21.76
N SER A 240 24.78 -5.98 -20.58
CA SER A 240 25.55 -6.99 -19.92
C SER A 240 24.65 -8.17 -19.45
N ALA A 241 23.52 -7.87 -18.80
CA ALA A 241 22.66 -8.92 -18.27
C ALA A 241 22.11 -9.81 -19.39
N ALA A 242 21.89 -9.20 -20.53
CA ALA A 242 21.40 -9.97 -21.70
C ALA A 242 22.47 -10.83 -22.39
N ASP A 243 23.73 -10.63 -22.07
CA ASP A 243 24.85 -11.29 -22.75
C ASP A 243 25.37 -12.37 -21.87
N GLN A 244 25.10 -13.63 -22.22
CA GLN A 244 25.65 -14.73 -21.39
C GLN A 244 27.18 -14.78 -21.42
N SER A 245 27.83 -14.17 -22.40
CA SER A 245 29.27 -14.07 -22.43
C SER A 245 29.82 -12.73 -21.96
N SER A 246 29.05 -11.98 -21.18
CA SER A 246 29.58 -10.79 -20.61
C SER A 246 30.78 -11.08 -19.75
N ASP A 247 31.74 -10.16 -19.73
CA ASP A 247 32.84 -10.28 -18.79
C ASP A 247 32.26 -10.31 -17.37
N GLU A 248 32.68 -11.28 -16.60
CA GLU A 248 32.11 -11.52 -15.25
C GLU A 248 32.40 -10.34 -14.28
N ALA A 249 33.65 -9.88 -14.25
CA ALA A 249 33.98 -8.79 -13.39
C ALA A 249 33.22 -7.54 -13.77
N ALA A 250 33.10 -7.26 -15.06
CA ALA A 250 32.28 -6.13 -15.49
C ALA A 250 30.81 -6.23 -15.09
N PHE A 251 30.20 -7.40 -15.29
CA PHE A 251 28.83 -7.65 -14.83
C PHE A 251 28.66 -7.42 -13.33
N HIS A 252 29.58 -7.93 -12.56
CA HIS A 252 29.54 -7.69 -11.09
C HIS A 252 29.58 -6.18 -10.80
N ARG A 253 30.50 -5.48 -11.41
CA ARG A 253 30.63 -4.06 -11.16
C ARG A 253 29.37 -3.31 -11.56
N MET A 254 28.82 -3.60 -12.74
CA MET A 254 27.60 -2.95 -13.15
C MET A 254 26.41 -3.26 -12.26
N THR A 255 26.32 -4.49 -11.78
CA THR A 255 25.29 -4.88 -10.85
C THR A 255 25.41 -4.03 -9.55
N MET A 256 26.62 -3.85 -9.04
CA MET A 256 26.82 -2.99 -7.91
C MET A 256 26.37 -1.54 -8.19
N GLU A 257 26.75 -1.01 -9.32
CA GLU A 257 26.40 0.36 -9.69
C GLU A 257 24.86 0.52 -9.71
N ILE A 258 24.21 -0.46 -10.34
CA ILE A 258 22.76 -0.44 -10.50
C ILE A 258 22.05 -0.58 -9.20
N ILE A 259 22.60 -1.34 -8.26
CA ILE A 259 22.01 -1.53 -6.93
C ILE A 259 22.15 -0.23 -6.14
N LEU A 260 23.29 0.44 -6.21
CA LEU A 260 23.37 1.73 -5.50
C LEU A 260 22.47 2.73 -6.15
N LYS A 261 22.39 2.75 -7.51
CA LYS A 261 21.42 3.64 -8.15
C LYS A 261 19.99 3.31 -7.70
N ALA A 262 19.67 2.02 -7.67
CA ALA A 262 18.34 1.58 -7.27
C ALA A 262 17.99 2.09 -5.88
N GLY A 263 18.95 2.00 -4.96
CA GLY A 263 18.74 2.49 -3.63
C GLY A 263 18.50 3.97 -3.64
N ASP A 264 19.29 4.64 -4.42
CA ASP A 264 19.17 6.11 -4.52
C ASP A 264 17.83 6.61 -5.09
N ILE A 265 17.17 5.86 -5.97
CA ILE A 265 15.83 6.27 -6.49
C ILE A 265 14.70 5.35 -5.97
N SER A 266 14.91 4.81 -4.80
CA SER A 266 14.01 3.81 -4.20
C SER A 266 12.83 4.42 -3.38
N ASN A 267 12.80 5.75 -3.23
CA ASN A 267 11.79 6.32 -2.34
C ASN A 267 10.36 5.92 -2.84
N VAL A 268 10.18 5.85 -4.15
CA VAL A 268 8.87 5.51 -4.77
C VAL A 268 8.53 4.03 -4.67
N THR A 269 9.45 3.25 -4.15
CA THR A 269 9.23 1.83 -3.94
C THR A 269 8.78 1.45 -2.54
N LYS A 270 8.58 2.43 -1.66
CA LYS A 270 8.26 2.28 -0.26
C LYS A 270 6.75 2.50 -0.04
N PRO A 271 6.23 2.00 1.09
CA PRO A 271 4.78 2.31 1.38
C PRO A 271 4.50 3.77 1.20
N PHE A 272 3.33 4.05 0.67
CA PHE A 272 2.96 5.43 0.32
C PHE A 272 3.35 6.51 1.25
N ASP A 273 3.03 6.35 2.52
CA ASP A 273 3.27 7.44 3.47
C ASP A 273 4.75 7.73 3.70
N ILE A 274 5.58 6.68 3.64
CA ILE A 274 7.02 6.86 3.62
C ILE A 274 7.49 7.59 2.36
N SER A 275 7.00 7.13 1.20
CA SER A 275 7.29 7.70 -0.10
C SER A 275 6.97 9.16 -0.16
N ARG A 276 5.82 9.53 0.40
CA ARG A 276 5.40 10.92 0.43
C ARG A 276 6.30 11.79 1.31
N GLN A 277 6.69 11.29 2.46
CA GLN A 277 7.55 12.03 3.34
C GLN A 277 8.93 12.31 2.65
N TRP A 278 9.48 11.30 1.96
CA TRP A 278 10.72 11.56 1.18
C TRP A 278 10.48 12.64 0.13
N ALA A 279 9.36 12.56 -0.59
CA ALA A 279 9.03 13.50 -1.65
C ALA A 279 8.96 14.93 -1.11
N MET A 280 8.37 15.07 0.07
CA MET A 280 8.27 16.41 0.70
C MET A 280 9.63 17.01 1.01
N ALA A 281 10.52 16.14 1.51
CA ALA A 281 11.87 16.54 1.88
C ALA A 281 12.64 16.92 0.61
N VAL A 282 12.53 16.13 -0.46
CA VAL A 282 13.32 16.45 -1.69
C VAL A 282 12.81 17.75 -2.36
N THR A 283 11.48 17.93 -2.33
CA THR A 283 10.86 19.12 -2.89
C THR A 283 11.34 20.37 -2.15
N GLU A 284 11.44 20.29 -0.84
CA GLU A 284 11.84 21.46 -0.08
C GLU A 284 13.30 21.77 -0.34
N GLU A 285 14.14 20.74 -0.37
CA GLU A 285 15.50 20.96 -0.79
C GLU A 285 15.65 21.65 -2.14
N PHE A 286 14.89 21.16 -3.12
CA PHE A 286 14.94 21.68 -4.44
C PHE A 286 14.48 23.16 -4.44
N TYR A 287 13.45 23.46 -3.65
CA TYR A 287 12.92 24.84 -3.60
C TYR A 287 13.94 25.77 -2.96
N ARG A 288 14.63 25.29 -1.92
CA ARG A 288 15.74 26.09 -1.35
C ARG A 288 16.83 26.33 -2.38
N GLN A 289 17.14 25.35 -3.25
CA GLN A 289 18.11 25.60 -4.33
C GLN A 289 17.59 26.74 -5.22
N GLY A 290 16.33 26.59 -5.67
CA GLY A 290 15.69 27.57 -6.56
C GLY A 290 15.66 28.97 -6.00
N ASP A 291 15.42 29.09 -4.70
CA ASP A 291 15.51 30.37 -4.02
C ASP A 291 16.93 30.98 -4.15
N MET A 292 17.96 30.15 -3.96
CA MET A 292 19.33 30.64 -4.12
C MET A 292 19.65 31.00 -5.54
N GLU A 293 19.11 30.27 -6.52
CA GLU A 293 19.38 30.55 -7.89
C GLU A 293 18.76 31.89 -8.32
N LYS A 294 17.60 32.20 -7.73
CA LYS A 294 16.86 33.46 -7.96
C LYS A 294 17.69 34.63 -7.47
N GLU A 295 18.10 34.60 -6.20
CA GLU A 295 19.11 35.55 -5.66
C GLU A 295 20.36 35.77 -6.54
N ARG A 296 20.84 34.74 -7.23
CA ARG A 296 22.07 34.82 -8.08
C ARG A 296 21.78 35.07 -9.55
N GLY A 297 20.51 35.24 -9.89
CA GLY A 297 20.15 35.49 -11.26
C GLY A 297 20.53 34.40 -12.22
N VAL A 298 20.49 33.10 -11.82
CA VAL A 298 20.77 32.02 -12.78
C VAL A 298 19.47 31.28 -13.07
N GLU A 299 19.47 30.44 -14.09
CA GLU A 299 18.28 29.73 -14.52
C GLU A 299 17.67 28.84 -13.40
N VAL A 300 16.37 29.02 -13.13
CA VAL A 300 15.65 28.19 -12.13
C VAL A 300 14.74 27.23 -12.87
N LEU A 301 14.97 25.93 -12.75
CA LEU A 301 14.08 24.97 -13.41
C LEU A 301 12.70 24.93 -12.67
N PRO A 302 11.62 24.60 -13.41
CA PRO A 302 10.27 24.64 -12.79
C PRO A 302 10.13 23.83 -11.48
N MET A 303 10.68 22.63 -11.47
CA MET A 303 10.72 21.79 -10.28
C MET A 303 11.45 22.41 -9.07
N PHE A 304 12.27 23.43 -9.30
CA PHE A 304 12.98 24.16 -8.23
C PHE A 304 12.35 25.49 -7.89
N ASP A 305 11.26 25.82 -8.58
CA ASP A 305 10.62 27.11 -8.40
C ASP A 305 9.41 27.04 -7.46
N ARG A 306 9.54 27.61 -6.28
CA ARG A 306 8.43 27.71 -5.31
C ARG A 306 7.17 28.34 -5.94
N SER A 307 7.37 29.33 -6.79
CA SER A 307 6.28 30.09 -7.38
C SER A 307 5.50 29.36 -8.42
N LYS A 308 6.10 28.34 -9.05
CA LYS A 308 5.35 27.44 -9.93
C LYS A 308 4.32 26.57 -9.16
N ASN A 309 4.56 26.36 -7.86
CA ASN A 309 3.59 25.75 -6.94
C ASN A 309 3.17 24.30 -7.35
N MET A 310 4.06 23.61 -8.07
CA MET A 310 3.84 22.30 -8.72
C MET A 310 3.18 21.33 -7.70
N GLU A 311 2.11 20.64 -8.06
CA GLU A 311 1.47 19.71 -7.10
C GLU A 311 2.35 18.48 -6.86
N LEU A 312 2.49 18.09 -5.61
CA LEU A 312 3.26 16.87 -5.26
C LEU A 312 2.84 15.66 -6.10
N ALA A 313 1.52 15.40 -6.22
CA ALA A 313 1.05 14.25 -7.00
C ALA A 313 1.54 14.19 -8.42
N LYS A 314 1.45 15.31 -9.12
CA LYS A 314 1.84 15.33 -10.50
C LYS A 314 3.37 15.07 -10.66
N GLY A 315 4.15 15.61 -9.75
CA GLY A 315 5.60 15.48 -9.81
C GLY A 315 5.99 14.05 -9.51
N GLN A 316 5.30 13.41 -8.58
CA GLN A 316 5.57 12.02 -8.25
C GLN A 316 5.18 11.13 -9.35
N ILE A 317 3.97 11.31 -9.93
CA ILE A 317 3.57 10.54 -11.11
C ILE A 317 4.58 10.70 -12.25
N GLY A 318 5.05 11.92 -12.43
CA GLY A 318 6.01 12.17 -13.54
C GLY A 318 7.34 11.44 -13.27
N PHE A 319 7.86 11.51 -12.05
CA PHE A 319 9.11 10.81 -11.67
C PHE A 319 8.94 9.30 -11.82
N ILE A 320 7.82 8.80 -11.34
CA ILE A 320 7.45 7.42 -11.60
C ILE A 320 7.41 7.04 -13.05
N ASP A 321 6.76 7.81 -13.90
CA ASP A 321 6.59 7.38 -15.27
C ASP A 321 7.87 7.48 -16.13
N PHE A 322 8.64 8.50 -15.89
CA PHE A 322 9.76 8.81 -16.78
C PHE A 322 11.08 8.26 -16.25
N VAL A 323 11.20 8.09 -14.93
CA VAL A 323 12.44 7.53 -14.31
C VAL A 323 12.28 6.21 -13.62
N ALA A 324 11.51 6.16 -12.53
CA ALA A 324 11.53 5.03 -11.64
C ALA A 324 10.86 3.77 -12.15
N ALA A 325 9.65 3.88 -12.71
CA ALA A 325 8.96 2.67 -13.22
C ALA A 325 9.77 1.94 -14.32
N PRO A 326 10.24 2.63 -15.31
CA PRO A 326 10.96 1.89 -16.36
C PRO A 326 12.29 1.33 -15.78
N PHE A 327 12.95 2.08 -14.91
CA PHE A 327 14.21 1.56 -14.28
C PHE A 327 14.01 0.25 -13.54
N PHE A 328 13.07 0.23 -12.60
CA PHE A 328 12.83 -0.94 -11.85
C PHE A 328 12.26 -2.04 -12.72
N GLN A 329 11.37 -1.72 -13.68
CA GLN A 329 10.81 -2.80 -14.47
C GLN A 329 11.90 -3.46 -15.31
N LYS A 330 12.72 -2.64 -15.94
CA LYS A 330 13.79 -3.13 -16.82
C LYS A 330 14.80 -4.00 -16.05
N ILE A 331 15.21 -3.55 -14.83
CA ILE A 331 16.26 -4.35 -14.14
C ILE A 331 15.67 -5.66 -13.62
N VAL A 332 14.43 -5.57 -13.12
CA VAL A 332 13.78 -6.77 -12.63
C VAL A 332 13.66 -7.78 -13.78
N ASP A 333 13.15 -7.34 -14.92
CA ASP A 333 12.90 -8.24 -16.04
C ASP A 333 14.19 -8.81 -16.56
N ALA A 334 15.24 -8.01 -16.58
CA ALA A 334 16.55 -8.41 -17.14
C ALA A 334 17.23 -9.49 -16.31
N CYS A 335 17.09 -9.45 -14.99
CA CYS A 335 17.99 -10.16 -14.20
C CYS A 335 17.62 -10.24 -12.71
N LEU A 336 16.97 -9.21 -12.18
CA LEU A 336 16.77 -9.09 -10.72
C LEU A 336 15.33 -9.42 -10.40
N GLN A 337 14.93 -10.65 -10.76
CA GLN A 337 13.52 -11.07 -10.57
C GLN A 337 13.02 -11.02 -9.15
N GLY A 338 13.90 -11.21 -8.18
CA GLY A 338 13.49 -11.16 -6.80
C GLY A 338 13.08 -9.78 -6.29
N MET A 339 13.41 -8.73 -7.04
CA MET A 339 13.03 -7.37 -6.66
C MET A 339 11.66 -6.95 -7.28
N GLN A 340 10.88 -7.94 -7.76
CA GLN A 340 9.54 -7.64 -8.32
C GLN A 340 8.74 -6.75 -7.42
N TRP A 341 8.83 -6.90 -6.12
CA TRP A 341 8.03 -6.05 -5.24
C TRP A 341 8.19 -4.56 -5.47
N THR A 342 9.34 -4.14 -5.92
CA THR A 342 9.56 -2.71 -6.17
C THR A 342 8.63 -2.20 -7.26
N VAL A 343 8.48 -2.95 -8.34
CA VAL A 343 7.62 -2.61 -9.47
C VAL A 343 6.18 -2.57 -8.96
N ASP A 344 5.83 -3.56 -8.16
CA ASP A 344 4.48 -3.65 -7.61
C ASP A 344 4.13 -2.40 -6.76
N ARG A 345 5.05 -2.00 -5.87
CA ARG A 345 4.81 -0.87 -5.01
C ARG A 345 4.79 0.46 -5.78
N ILE A 346 5.63 0.57 -6.80
CA ILE A 346 5.59 1.78 -7.64
C ILE A 346 4.18 1.88 -8.31
N LYS A 347 3.70 0.73 -8.78
CA LYS A 347 2.38 0.73 -9.44
C LYS A 347 1.31 1.13 -8.44
N SER A 348 1.36 0.59 -7.22
CA SER A 348 0.40 1.00 -6.14
C SER A 348 0.52 2.43 -5.70
N ASN A 349 1.75 2.95 -5.61
CA ASN A 349 1.91 4.36 -5.34
C ASN A 349 1.40 5.26 -6.43
N ARG A 350 1.62 4.92 -7.71
CA ARG A 350 1.17 5.70 -8.82
C ARG A 350 -0.39 5.75 -8.73
N ALA A 351 -0.99 4.61 -8.43
CA ALA A 351 -2.49 4.57 -8.34
C ALA A 351 -3.00 5.44 -7.23
N GLN A 352 -2.28 5.49 -6.13
CA GLN A 352 -2.65 6.27 -5.03
C GLN A 352 -2.51 7.76 -5.31
N TRP A 353 -1.40 8.17 -5.94
CA TRP A 353 -1.34 9.57 -6.42
C TRP A 353 -2.46 9.91 -7.41
N GLU A 354 -2.83 8.96 -8.26
CA GLU A 354 -3.93 9.16 -9.21
C GLU A 354 -5.25 9.38 -8.46
N ARG A 355 -5.42 8.69 -7.33
CA ARG A 355 -6.61 8.92 -6.47
C ARG A 355 -6.57 10.28 -5.82
N VAL A 356 -5.38 10.77 -5.46
CA VAL A 356 -5.24 12.18 -4.97
C VAL A 356 -5.72 13.16 -6.04
N LEU A 357 -5.33 12.95 -7.30
CA LEU A 357 -5.78 13.83 -8.36
C LEU A 357 -7.33 13.65 -8.61
N GLU A 358 -7.79 12.42 -8.60
CA GLU A 358 -9.19 12.13 -8.93
C GLU A 358 -10.10 12.81 -7.92
N THR A 359 -9.66 12.89 -6.66
CA THR A 359 -10.54 13.44 -5.58
C THR A 359 -10.30 14.88 -5.29
N ARG A 360 -9.37 15.50 -5.98
CA ARG A 360 -9.07 16.91 -5.67
C ARG A 360 -10.19 17.86 -6.14
N VAL B 28 -22.13 1.16 -20.51
CA VAL B 28 -21.22 0.00 -20.21
C VAL B 28 -20.84 -0.79 -21.51
N THR B 29 -19.56 -1.16 -21.71
CA THR B 29 -19.11 -2.06 -22.79
C THR B 29 -19.58 -3.49 -22.55
N ALA B 30 -19.97 -4.21 -23.61
CA ALA B 30 -20.62 -5.50 -23.41
C ALA B 30 -19.65 -6.54 -22.92
N ILE B 31 -20.13 -7.48 -22.11
CA ILE B 31 -19.28 -8.56 -21.65
C ILE B 31 -19.01 -9.51 -22.83
N THR B 32 -17.79 -10.02 -22.96
CA THR B 32 -17.48 -10.96 -24.07
C THR B 32 -17.57 -12.40 -23.68
N LYS B 33 -17.79 -13.27 -24.66
CA LYS B 33 -17.80 -14.72 -24.43
C LYS B 33 -16.51 -15.22 -23.77
N VAL B 34 -15.38 -14.67 -24.16
CA VAL B 34 -14.11 -15.04 -23.54
C VAL B 34 -14.12 -14.77 -22.03
N GLU B 35 -14.60 -13.58 -21.64
CA GLU B 35 -14.75 -13.18 -20.20
C GLU B 35 -15.68 -14.19 -19.47
N ARG B 36 -16.77 -14.57 -20.12
CA ARG B 36 -17.70 -15.53 -19.47
C ARG B 36 -17.05 -16.91 -19.20
N GLU B 37 -16.34 -17.40 -20.22
CA GLU B 37 -15.75 -18.76 -20.17
C GLU B 37 -14.68 -18.91 -19.13
N ALA B 38 -13.90 -17.85 -18.96
CA ALA B 38 -12.93 -17.74 -17.88
C ALA B 38 -13.56 -18.01 -16.48
N VAL B 39 -14.82 -17.58 -16.31
CA VAL B 39 -15.56 -17.88 -15.08
C VAL B 39 -16.13 -19.28 -15.13
N LEU B 40 -16.80 -19.62 -16.24
CA LEU B 40 -17.45 -20.94 -16.41
C LEU B 40 -16.49 -22.13 -16.22
N VAL B 41 -15.21 -21.97 -16.55
CA VAL B 41 -14.24 -23.07 -16.35
C VAL B 41 -13.86 -23.31 -14.87
N CYS B 42 -14.10 -22.36 -13.96
CA CYS B 42 -13.76 -22.60 -12.53
C CYS B 42 -14.78 -23.53 -11.85
N GLU B 43 -14.32 -24.73 -11.47
CA GLU B 43 -15.17 -25.75 -10.81
C GLU B 43 -15.26 -25.70 -9.26
N LEU B 44 -14.40 -24.90 -8.61
CA LEU B 44 -14.43 -24.77 -7.14
C LEU B 44 -14.42 -26.12 -6.39
N PRO B 45 -13.55 -27.05 -6.85
CA PRO B 45 -13.62 -28.32 -6.17
C PRO B 45 -13.16 -28.10 -4.73
N SER B 46 -13.84 -28.84 -3.84
CA SER B 46 -13.58 -28.82 -2.40
C SER B 46 -14.24 -27.66 -1.62
N PHE B 47 -15.00 -26.78 -2.27
CA PHE B 47 -15.62 -25.69 -1.50
C PHE B 47 -17.11 -25.94 -1.46
N ASP B 48 -17.75 -25.64 -0.32
CA ASP B 48 -19.20 -25.55 -0.27
C ASP B 48 -19.51 -24.05 -0.03
N VAL B 49 -19.89 -23.37 -1.12
CA VAL B 49 -20.21 -21.94 -1.02
C VAL B 49 -21.43 -21.65 -0.13
N THR B 50 -22.21 -22.67 0.28
CA THR B 50 -23.37 -22.41 1.15
C THR B 50 -23.07 -22.52 2.61
N ASP B 51 -21.84 -22.92 2.95
CA ASP B 51 -21.50 -23.19 4.33
C ASP B 51 -21.07 -21.97 5.11
N VAL B 52 -21.51 -21.86 6.38
CA VAL B 52 -21.08 -20.77 7.25
C VAL B 52 -19.53 -20.71 7.50
N GLU B 53 -18.83 -21.81 7.24
CA GLU B 53 -17.38 -21.84 7.38
C GLU B 53 -16.60 -21.71 6.09
N PHE B 54 -17.28 -21.54 4.96
CA PHE B 54 -16.68 -21.24 3.70
C PHE B 54 -15.62 -20.15 3.83
N ASP B 55 -14.46 -20.40 3.18
CA ASP B 55 -13.27 -19.57 3.31
C ASP B 55 -12.89 -18.94 2.00
N LEU B 56 -13.38 -17.70 1.77
CA LEU B 56 -13.11 -17.00 0.53
C LEU B 56 -11.57 -16.73 0.30
N PHE B 57 -10.85 -16.50 1.36
CA PHE B 57 -9.36 -16.30 1.28
C PHE B 57 -8.69 -17.55 0.74
N ARG B 58 -9.07 -18.69 1.27
CA ARG B 58 -8.63 -20.00 0.69
C ARG B 58 -9.07 -20.19 -0.74
N ALA B 59 -10.33 -19.87 -1.06
CA ALA B 59 -10.73 -19.89 -2.46
C ALA B 59 -9.82 -18.98 -3.33
N ARG B 60 -9.48 -17.79 -2.82
CA ARG B 60 -8.68 -16.81 -3.62
C ARG B 60 -7.24 -17.34 -3.93
N GLU B 61 -6.67 -17.94 -2.91
CA GLU B 61 -5.33 -18.56 -3.01
C GLU B 61 -5.29 -19.86 -3.79
N SER B 62 -6.43 -20.48 -4.04
CA SER B 62 -6.50 -21.76 -4.69
C SER B 62 -6.09 -21.70 -6.17
N THR B 63 -6.23 -20.58 -6.87
CA THR B 63 -5.80 -20.54 -8.28
C THR B 63 -5.07 -19.22 -8.47
N ASP B 64 -4.57 -19.00 -9.69
CA ASP B 64 -3.93 -17.77 -10.09
C ASP B 64 -4.95 -16.81 -10.75
N LYS B 65 -6.25 -17.12 -10.69
CA LYS B 65 -7.28 -16.24 -11.27
C LYS B 65 -8.35 -15.97 -10.19
N PRO B 66 -7.93 -15.33 -9.12
CA PRO B 66 -8.85 -15.26 -8.01
C PRO B 66 -10.11 -14.41 -8.35
N LEU B 67 -10.02 -13.46 -9.27
CA LEU B 67 -11.20 -12.68 -9.71
C LEU B 67 -12.17 -13.56 -10.42
N ASP B 68 -11.68 -14.56 -11.13
CA ASP B 68 -12.57 -15.50 -11.86
C ASP B 68 -13.19 -16.50 -10.87
N VAL B 69 -12.40 -16.98 -9.89
CA VAL B 69 -12.92 -17.85 -8.85
C VAL B 69 -14.03 -17.05 -8.07
N ALA B 70 -13.76 -15.82 -7.65
CA ALA B 70 -14.80 -15.01 -6.95
C ALA B 70 -16.10 -14.85 -7.77
N ALA B 71 -15.95 -14.55 -9.06
CA ALA B 71 -17.10 -14.46 -9.97
C ALA B 71 -17.90 -15.80 -9.96
N ALA B 72 -17.17 -16.90 -9.99
CA ALA B 72 -17.80 -18.18 -10.05
C ALA B 72 -18.50 -18.49 -8.74
N ILE B 73 -17.94 -18.07 -7.61
CA ILE B 73 -18.65 -18.26 -6.33
C ILE B 73 -20.01 -17.51 -6.34
N ALA B 74 -19.99 -16.26 -6.77
CA ALA B 74 -21.21 -15.49 -6.89
C ALA B 74 -22.23 -16.15 -7.82
N TYR B 75 -21.75 -16.63 -8.95
CA TYR B 75 -22.59 -17.27 -9.94
C TYR B 75 -23.20 -18.55 -9.37
N ARG B 76 -22.39 -19.32 -8.64
CA ARG B 76 -22.93 -20.59 -8.06
C ARG B 76 -24.00 -20.35 -6.95
N LEU B 77 -23.73 -19.35 -6.07
CA LEU B 77 -24.68 -18.94 -5.02
C LEU B 77 -25.98 -18.53 -5.62
N LEU B 78 -25.93 -17.75 -6.69
CA LEU B 78 -27.15 -17.31 -7.31
C LEU B 78 -27.95 -18.38 -8.01
N LEU B 79 -27.28 -19.16 -8.84
CA LEU B 79 -27.95 -20.27 -9.52
C LEU B 79 -28.44 -21.28 -8.51
N GLY B 80 -27.64 -21.58 -7.50
CA GLY B 80 -28.01 -22.63 -6.54
C GLY B 80 -29.17 -22.25 -5.62
N SER B 81 -29.42 -20.94 -5.50
CA SER B 81 -30.61 -20.43 -4.83
C SER B 81 -31.90 -20.81 -5.58
N GLY B 82 -31.76 -21.08 -6.86
CA GLY B 82 -32.88 -21.33 -7.74
C GLY B 82 -33.68 -20.10 -8.16
N LEU B 83 -33.28 -18.91 -7.70
CA LEU B 83 -34.12 -17.69 -7.82
C LEU B 83 -34.06 -17.02 -9.21
N PRO B 84 -32.86 -16.90 -9.83
CA PRO B 84 -32.84 -16.18 -11.11
C PRO B 84 -33.74 -16.78 -12.19
N GLN B 85 -33.67 -18.11 -12.30
CA GLN B 85 -34.51 -18.96 -13.18
C GLN B 85 -35.99 -18.57 -13.00
N LYS B 86 -36.46 -18.43 -11.74
CA LYS B 86 -37.86 -18.07 -11.46
C LYS B 86 -38.30 -16.67 -11.90
N PHE B 87 -37.34 -15.75 -12.05
CA PHE B 87 -37.72 -14.36 -12.33
C PHE B 87 -37.26 -13.98 -13.74
N GLY B 88 -37.00 -14.98 -14.58
CA GLY B 88 -36.75 -14.75 -16.02
C GLY B 88 -35.34 -14.32 -16.35
N CYS B 89 -34.40 -14.53 -15.43
CA CYS B 89 -33.03 -14.10 -15.59
C CYS B 89 -32.23 -15.32 -16.04
N SER B 90 -31.79 -15.31 -17.30
CA SER B 90 -30.99 -16.39 -17.82
C SER B 90 -29.66 -16.51 -17.18
N ASP B 91 -29.04 -17.69 -17.35
CA ASP B 91 -27.72 -17.89 -16.82
C ASP B 91 -26.74 -16.86 -17.36
N GLU B 92 -26.90 -16.54 -18.64
CA GLU B 92 -25.98 -15.66 -19.32
C GLU B 92 -26.11 -14.20 -18.84
N VAL B 93 -27.33 -13.73 -18.65
CA VAL B 93 -27.59 -12.38 -18.18
C VAL B 93 -27.01 -12.25 -16.74
N LEU B 94 -27.22 -13.32 -15.97
CA LEU B 94 -26.66 -13.33 -14.61
C LEU B 94 -25.17 -13.20 -14.60
N LEU B 95 -24.50 -14.01 -15.40
CA LEU B 95 -23.06 -13.96 -15.44
C LEU B 95 -22.54 -12.59 -15.95
N ASN B 96 -23.23 -12.00 -16.92
CA ASN B 96 -22.87 -10.70 -17.49
C ASN B 96 -22.99 -9.62 -16.39
N PHE B 97 -24.09 -9.71 -15.67
CA PHE B 97 -24.26 -8.83 -14.52
C PHE B 97 -23.12 -8.93 -13.51
N ILE B 98 -22.74 -10.14 -13.12
CA ILE B 98 -21.68 -10.31 -12.15
C ILE B 98 -20.36 -9.68 -12.68
N LEU B 99 -20.09 -9.91 -13.95
CA LEU B 99 -18.86 -9.40 -14.60
C LEU B 99 -18.88 -7.90 -14.80
N GLN B 100 -20.04 -7.32 -15.03
CA GLN B 100 -20.16 -5.85 -15.08
C GLN B 100 -19.92 -5.25 -13.69
N CYS B 101 -20.46 -5.91 -12.67
CA CYS B 101 -20.16 -5.46 -11.31
C CYS B 101 -18.65 -5.56 -11.04
N ARG B 102 -18.04 -6.72 -11.31
CA ARG B 102 -16.67 -6.92 -11.06
C ARG B 102 -15.78 -5.83 -11.67
N LYS B 103 -16.10 -5.46 -12.90
CA LYS B 103 -15.32 -4.42 -13.61
C LYS B 103 -15.33 -3.06 -12.92
N LYS B 104 -16.38 -2.79 -12.15
CA LYS B 104 -16.46 -1.55 -11.41
C LYS B 104 -15.85 -1.54 -9.98
N TYR B 105 -15.20 -2.60 -9.53
CA TYR B 105 -14.51 -2.57 -8.26
C TYR B 105 -13.05 -2.27 -8.52
N ARG B 106 -12.45 -1.61 -7.56
CA ARG B 106 -11.08 -1.17 -7.66
C ARG B 106 -10.13 -2.11 -6.94
N ASN B 107 -8.83 -1.95 -7.23
CA ASN B 107 -7.82 -2.67 -6.45
C ASN B 107 -7.49 -1.93 -5.16
N VAL B 108 -8.38 -2.03 -4.17
CA VAL B 108 -8.19 -1.40 -2.87
C VAL B 108 -8.16 -2.59 -1.87
N PRO B 109 -7.66 -2.39 -0.68
CA PRO B 109 -7.38 -3.57 0.16
C PRO B 109 -8.63 -4.26 0.66
N TYR B 110 -9.72 -3.49 0.82
CA TYR B 110 -10.95 -4.06 1.43
C TYR B 110 -12.19 -3.95 0.60
N HIS B 111 -12.58 -2.71 0.23
CA HIS B 111 -13.82 -2.54 -0.54
C HIS B 111 -13.67 -2.87 -2.00
N ASN B 112 -13.24 -4.09 -2.27
CA ASN B 112 -12.98 -4.59 -3.58
C ASN B 112 -14.00 -5.68 -3.96
N PHE B 113 -13.80 -6.40 -5.08
CA PHE B 113 -14.80 -7.35 -5.49
C PHE B 113 -14.96 -8.50 -4.50
N TYR B 114 -13.87 -8.83 -3.77
CA TYR B 114 -13.95 -9.95 -2.80
C TYR B 114 -14.90 -9.59 -1.63
N HIS B 115 -14.90 -8.34 -1.22
CA HIS B 115 -15.81 -7.92 -0.16
C HIS B 115 -17.26 -8.14 -0.59
N VAL B 116 -17.63 -7.79 -1.81
CA VAL B 116 -19.01 -7.91 -2.21
C VAL B 116 -19.44 -9.34 -2.45
N VAL B 117 -18.54 -10.17 -2.98
CA VAL B 117 -18.84 -11.60 -3.10
C VAL B 117 -18.96 -12.20 -1.72
N ASP B 118 -18.15 -11.80 -0.77
CA ASP B 118 -18.26 -12.22 0.61
C ASP B 118 -19.63 -11.86 1.24
N VAL B 119 -20.04 -10.60 1.06
CA VAL B 119 -21.36 -10.15 1.58
C VAL B 119 -22.49 -10.97 0.90
N CYS B 120 -22.40 -11.27 -0.40
CA CYS B 120 -23.37 -12.07 -1.07
C CYS B 120 -23.44 -13.51 -0.45
N GLN B 121 -22.28 -14.11 -0.29
CA GLN B 121 -22.20 -15.47 0.32
C GLN B 121 -22.76 -15.47 1.74
N THR B 122 -22.43 -14.43 2.47
CA THR B 122 -22.83 -14.27 3.84
C THR B 122 -24.34 -14.10 3.95
N ILE B 123 -24.88 -13.24 3.08
CA ILE B 123 -26.34 -13.12 3.03
C ILE B 123 -27.04 -14.43 2.73
N HIS B 124 -26.49 -15.17 1.81
CA HIS B 124 -27.02 -16.49 1.48
C HIS B 124 -27.07 -17.37 2.71
N THR B 125 -26.01 -17.38 3.52
CA THR B 125 -26.04 -18.13 4.79
C THR B 125 -27.11 -17.61 5.76
N PHE B 126 -27.25 -16.30 5.89
CA PHE B 126 -28.28 -15.77 6.76
C PHE B 126 -29.70 -16.16 6.32
N LEU B 127 -29.93 -16.07 5.02
CA LEU B 127 -31.23 -16.43 4.46
C LEU B 127 -31.52 -17.91 4.66
N TYR B 128 -30.54 -18.75 4.32
CA TYR B 128 -30.83 -20.18 4.16
C TYR B 128 -30.30 -21.10 5.25
N ARG B 129 -29.20 -20.76 5.90
CA ARG B 129 -28.79 -21.45 7.14
C ARG B 129 -29.42 -20.84 8.34
N GLY B 130 -29.67 -19.54 8.28
CA GLY B 130 -30.32 -18.80 9.38
C GLY B 130 -31.83 -18.72 9.30
N ASN B 131 -32.41 -19.26 8.21
CA ASN B 131 -33.84 -19.31 7.95
C ASN B 131 -34.51 -17.96 7.83
N VAL B 132 -33.74 -16.90 7.55
CA VAL B 132 -34.32 -15.63 7.34
C VAL B 132 -35.19 -15.58 6.05
N TYR B 133 -34.97 -16.50 5.13
CA TYR B 133 -35.79 -16.58 3.90
C TYR B 133 -37.28 -16.69 4.22
N GLU B 134 -37.60 -17.24 5.39
CA GLU B 134 -39.03 -17.48 5.77
C GLU B 134 -39.73 -16.15 5.93
N LYS B 135 -38.97 -15.08 6.20
CA LYS B 135 -39.54 -13.77 6.46
C LYS B 135 -39.77 -12.94 5.20
N LEU B 136 -39.22 -13.39 4.09
CA LEU B 136 -39.17 -12.63 2.85
C LEU B 136 -39.79 -13.37 1.68
N THR B 137 -40.20 -12.61 0.67
CA THR B 137 -40.62 -13.25 -0.58
C THR B 137 -39.37 -13.80 -1.32
N GLU B 138 -39.61 -14.68 -2.24
CA GLU B 138 -38.55 -15.14 -3.09
C GLU B 138 -37.92 -13.96 -3.89
N LEU B 139 -38.77 -13.06 -4.37
CA LEU B 139 -38.24 -11.89 -5.05
C LEU B 139 -37.29 -11.12 -4.18
N GLU B 140 -37.68 -10.86 -2.96
CA GLU B 140 -36.84 -10.18 -2.00
C GLU B 140 -35.51 -10.84 -1.75
N CYS B 141 -35.50 -12.18 -1.65
CA CYS B 141 -34.29 -12.95 -1.45
C CYS B 141 -33.34 -12.76 -2.67
N PHE B 142 -33.91 -12.82 -3.86
CA PHE B 142 -33.17 -12.60 -5.13
C PHE B 142 -32.58 -11.18 -5.14
N VAL B 143 -33.39 -10.18 -4.77
CA VAL B 143 -32.92 -8.80 -4.78
C VAL B 143 -31.78 -8.64 -3.77
N LEU B 144 -31.88 -9.29 -2.62
CA LEU B 144 -30.79 -9.18 -1.64
C LEU B 144 -29.45 -9.73 -2.19
N LEU B 145 -29.51 -10.91 -2.82
CA LEU B 145 -28.31 -11.53 -3.34
C LEU B 145 -27.67 -10.75 -4.47
N ILE B 146 -28.51 -10.17 -5.31
CA ILE B 146 -28.05 -9.23 -6.34
C ILE B 146 -27.51 -7.94 -5.76
N THR B 147 -28.23 -7.35 -4.80
CA THR B 147 -27.81 -6.09 -4.21
C THR B 147 -26.48 -6.21 -3.53
N ALA B 148 -26.19 -7.36 -2.91
CA ALA B 148 -24.87 -7.49 -2.31
C ALA B 148 -23.75 -7.16 -3.32
N LEU B 149 -23.94 -7.57 -4.57
CA LEU B 149 -22.90 -7.41 -5.58
C LEU B 149 -22.76 -5.99 -6.14
N VAL B 150 -23.78 -5.17 -5.99
CA VAL B 150 -23.67 -3.75 -6.34
C VAL B 150 -23.37 -2.78 -5.22
N HIS B 151 -23.37 -3.24 -4.00
CA HIS B 151 -23.55 -2.31 -2.86
C HIS B 151 -22.40 -1.39 -2.57
N ASP B 152 -21.24 -1.65 -3.17
CA ASP B 152 -20.06 -0.82 -2.98
C ASP B 152 -19.32 -0.59 -4.28
N LEU B 153 -20.07 -0.44 -5.38
CA LEU B 153 -19.48 -0.21 -6.70
C LEU B 153 -18.63 1.07 -6.73
N ASP B 154 -17.43 0.91 -7.28
CA ASP B 154 -16.51 1.99 -7.51
C ASP B 154 -16.02 2.65 -6.24
N HIS B 155 -16.05 1.92 -5.10
CA HIS B 155 -15.39 2.38 -3.91
C HIS B 155 -13.88 2.60 -4.17
N MET B 156 -13.30 3.68 -3.62
N MET B 156 -13.39 3.72 -3.61
CA MET B 156 -11.85 3.96 -3.78
CA MET B 156 -12.03 4.21 -3.78
C MET B 156 -11.09 3.78 -2.49
C MET B 156 -11.19 3.92 -2.50
N GLY B 157 -11.76 3.25 -1.49
CA GLY B 157 -11.12 3.09 -0.20
C GLY B 157 -11.14 4.23 0.73
N LEU B 158 -12.04 5.16 0.47
CA LEU B 158 -12.18 6.35 1.26
C LEU B 158 -13.64 6.44 1.76
N ASN B 159 -13.85 6.79 3.01
CA ASN B 159 -15.28 6.85 3.53
C ASN B 159 -15.93 8.17 3.25
N ASN B 160 -17.23 8.24 3.53
CA ASN B 160 -17.99 9.45 3.26
C ASN B 160 -17.36 10.70 3.88
N SER B 161 -16.84 10.55 5.11
CA SER B 161 -16.23 11.63 5.80
C SER B 161 -15.05 12.24 5.06
N PHE B 162 -14.25 11.41 4.43
CA PHE B 162 -13.16 11.95 3.58
C PHE B 162 -13.64 12.97 2.58
N TYR B 163 -14.68 12.60 1.82
CA TYR B 163 -15.18 13.46 0.76
C TYR B 163 -15.72 14.78 1.31
N LEU B 164 -16.35 14.74 2.48
CA LEU B 164 -16.92 15.92 3.12
C LEU B 164 -15.84 16.78 3.79
N LYS B 165 -14.90 16.18 4.51
CA LYS B 165 -13.84 16.95 5.19
C LYS B 165 -12.92 17.68 4.22
N THR B 166 -12.64 17.03 3.09
CA THR B 166 -11.71 17.58 2.14
C THR B 166 -12.41 18.48 1.08
N GLU B 167 -13.73 18.60 1.11
CA GLU B 167 -14.47 19.27 0.03
C GLU B 167 -14.11 18.77 -1.34
N SER B 168 -14.03 17.45 -1.43
CA SER B 168 -13.85 16.78 -2.67
C SER B 168 -15.11 17.01 -3.53
N PRO B 169 -15.02 17.03 -4.87
CA PRO B 169 -16.23 17.35 -5.71
C PRO B 169 -17.47 16.53 -5.44
N LEU B 170 -17.33 15.22 -5.22
CA LEU B 170 -18.50 14.41 -4.87
C LEU B 170 -19.09 14.81 -3.52
N GLY B 171 -18.24 15.18 -2.60
CA GLY B 171 -18.67 15.66 -1.32
C GLY B 171 -19.45 16.97 -1.45
N ILE B 172 -18.92 17.86 -2.30
CA ILE B 172 -19.59 19.16 -2.56
C ILE B 172 -21.00 18.93 -3.14
N LEU B 173 -21.08 18.03 -4.11
CA LEU B 173 -22.32 17.67 -4.73
C LEU B 173 -23.30 17.12 -3.73
N SER B 174 -22.83 16.22 -2.86
CA SER B 174 -23.71 15.65 -1.84
C SER B 174 -24.24 16.72 -0.89
N SER B 175 -23.41 17.65 -0.44
CA SER B 175 -23.83 18.75 0.37
C SER B 175 -24.85 19.61 -0.33
N ALA B 176 -24.62 19.90 -1.59
CA ALA B 176 -25.49 20.80 -2.32
C ALA B 176 -26.84 20.16 -2.55
N SER B 177 -26.84 18.85 -2.79
CA SER B 177 -28.03 18.12 -3.22
C SER B 177 -28.84 17.60 -2.05
N GLY B 178 -28.26 17.67 -0.83
CA GLY B 178 -28.92 17.39 0.43
C GLY B 178 -28.83 15.94 0.89
N ASN B 179 -27.96 15.10 0.31
CA ASN B 179 -27.81 13.71 0.86
C ASN B 179 -26.36 13.45 1.21
N THR B 180 -26.09 13.27 2.51
CA THR B 180 -24.72 13.05 3.03
C THR B 180 -24.18 11.62 2.83
N SER B 181 -25.01 10.73 2.25
CA SER B 181 -24.53 9.38 1.89
C SER B 181 -23.78 9.39 0.60
N VAL B 182 -22.58 10.01 0.62
CA VAL B 182 -21.87 10.25 -0.60
C VAL B 182 -21.66 9.03 -1.46
N LEU B 183 -21.05 8.01 -0.86
CA LEU B 183 -20.72 6.84 -1.62
C LEU B 183 -21.98 6.01 -1.96
N GLU B 184 -22.90 5.91 -1.01
CA GLU B 184 -24.04 4.98 -1.23
C GLU B 184 -24.90 5.47 -2.38
N VAL B 185 -25.06 6.81 -2.55
CA VAL B 185 -25.73 7.32 -3.72
C VAL B 185 -24.98 6.94 -4.98
N HIS B 186 -23.67 7.14 -4.94
CA HIS B 186 -22.80 6.80 -6.10
C HIS B 186 -22.92 5.32 -6.47
N HIS B 187 -22.91 4.45 -5.46
CA HIS B 187 -23.04 3.04 -5.79
C HIS B 187 -24.41 2.76 -6.49
N CYS B 188 -25.50 3.37 -5.97
CA CYS B 188 -26.81 3.20 -6.58
C CYS B 188 -26.87 3.67 -8.02
N ASN B 189 -26.26 4.84 -8.28
CA ASN B 189 -26.15 5.39 -9.65
C ASN B 189 -25.47 4.35 -10.53
N LEU B 190 -24.37 3.74 -10.08
CA LEU B 190 -23.70 2.77 -10.95
C LEU B 190 -24.44 1.41 -11.12
N ALA B 191 -25.18 1.04 -10.09
CA ALA B 191 -26.06 -0.17 -10.18
C ALA B 191 -27.11 0.03 -11.29
N VAL B 192 -27.75 1.19 -11.25
CA VAL B 192 -28.75 1.56 -12.24
C VAL B 192 -28.12 1.52 -13.64
N GLU B 193 -26.90 2.03 -13.76
CA GLU B 193 -26.24 2.03 -15.05
C GLU B 193 -25.98 0.61 -15.56
N ILE B 194 -25.54 -0.28 -14.69
CA ILE B 194 -25.29 -1.67 -15.11
C ILE B 194 -26.61 -2.33 -15.58
N LEU B 195 -27.70 -2.07 -14.84
CA LEU B 195 -28.99 -2.70 -15.08
C LEU B 195 -29.69 -2.11 -16.32
N SER B 196 -29.18 -0.98 -16.81
CA SER B 196 -29.81 -0.31 -17.95
C SER B 196 -29.47 -1.08 -19.22
N ASP B 197 -28.41 -1.84 -19.23
CA ASP B 197 -28.11 -2.70 -20.35
C ASP B 197 -28.94 -4.00 -20.22
N PRO B 198 -29.86 -4.29 -21.18
CA PRO B 198 -30.60 -5.56 -21.18
C PRO B 198 -29.78 -6.81 -20.99
N GLU B 199 -28.58 -6.87 -21.54
CA GLU B 199 -27.74 -8.06 -21.41
C GLU B 199 -27.18 -8.27 -19.98
N SER B 200 -27.27 -7.26 -19.13
CA SER B 200 -26.91 -7.41 -17.69
C SER B 200 -28.06 -7.05 -16.75
N ASP B 201 -29.29 -6.93 -17.27
CA ASP B 201 -30.41 -6.52 -16.47
C ASP B 201 -31.07 -7.74 -15.86
N VAL B 202 -30.62 -8.11 -14.66
CA VAL B 202 -31.16 -9.31 -13.97
C VAL B 202 -32.63 -9.15 -13.58
N PHE B 203 -33.18 -7.94 -13.78
CA PHE B 203 -34.51 -7.63 -13.41
C PHE B 203 -35.42 -7.45 -14.64
N ASP B 204 -34.88 -7.72 -15.82
CA ASP B 204 -35.61 -7.43 -17.06
C ASP B 204 -36.78 -8.38 -17.25
N GLY B 205 -36.73 -9.57 -16.63
CA GLY B 205 -37.88 -10.48 -16.55
C GLY B 205 -39.04 -10.09 -15.67
N LEU B 206 -38.92 -9.01 -14.95
CA LEU B 206 -39.94 -8.56 -14.05
C LEU B 206 -40.78 -7.47 -14.75
N GLU B 207 -41.99 -7.25 -14.23
CA GLU B 207 -42.78 -6.14 -14.74
C GLU B 207 -43.61 -5.54 -13.68
N GLY B 208 -44.15 -4.36 -13.98
CA GLY B 208 -45.12 -3.78 -13.11
C GLY B 208 -44.55 -3.59 -11.72
N ALA B 209 -45.37 -3.92 -10.72
CA ALA B 209 -44.99 -3.65 -9.35
C ALA B 209 -43.75 -4.45 -8.91
N GLU B 210 -43.59 -5.66 -9.40
CA GLU B 210 -42.38 -6.42 -9.04
C GLU B 210 -41.09 -5.73 -9.51
N ARG B 211 -41.05 -5.30 -10.76
CA ARG B 211 -39.88 -4.55 -11.28
C ARG B 211 -39.60 -3.33 -10.44
N THR B 212 -40.64 -2.56 -10.08
CA THR B 212 -40.48 -1.41 -9.20
C THR B 212 -39.97 -1.78 -7.84
N LEU B 213 -40.50 -2.84 -7.26
CA LEU B 213 -40.06 -3.23 -5.93
C LEU B 213 -38.60 -3.69 -6.00
N ALA B 214 -38.16 -4.34 -7.08
CA ALA B 214 -36.79 -4.81 -7.19
C ALA B 214 -35.83 -3.62 -7.13
N PHE B 215 -36.12 -2.62 -7.94
CA PHE B 215 -35.30 -1.40 -7.93
C PHE B 215 -35.40 -0.61 -6.65
N ARG B 216 -36.60 -0.39 -6.14
CA ARG B 216 -36.69 0.41 -4.95
C ARG B 216 -36.07 -0.28 -3.71
N SER B 217 -36.27 -1.60 -3.58
CA SER B 217 -35.71 -2.30 -2.46
C SER B 217 -34.19 -2.35 -2.60
N MET B 218 -33.65 -2.59 -3.79
CA MET B 218 -32.19 -2.56 -4.01
C MET B 218 -31.59 -1.23 -3.52
N ILE B 219 -32.17 -0.14 -4.04
CA ILE B 219 -31.71 1.17 -3.69
C ILE B 219 -31.89 1.48 -2.18
N ASP B 220 -33.04 1.14 -1.58
CA ASP B 220 -33.24 1.37 -0.13
C ASP B 220 -32.15 0.62 0.65
N CYS B 221 -31.91 -0.62 0.24
CA CYS B 221 -30.90 -1.41 0.96
C CYS B 221 -29.45 -0.80 0.86
N VAL B 222 -29.06 -0.42 -0.37
CA VAL B 222 -27.73 0.23 -0.52
C VAL B 222 -27.62 1.49 0.33
N LEU B 223 -28.65 2.31 0.26
CA LEU B 223 -28.65 3.57 1.08
C LEU B 223 -28.57 3.32 2.59
N ALA B 224 -29.14 2.20 3.07
CA ALA B 224 -29.12 1.82 4.44
C ALA B 224 -27.77 1.31 4.92
N THR B 225 -26.81 1.11 4.00
CA THR B 225 -25.48 0.66 4.40
C THR B 225 -24.61 1.79 4.92
N ASP B 226 -25.08 3.05 4.80
CA ASP B 226 -24.32 4.15 5.39
C ASP B 226 -24.36 4.03 6.91
N MET B 227 -23.21 3.83 7.48
CA MET B 227 -23.10 3.60 8.95
C MET B 227 -23.55 4.81 9.76
N ALA B 228 -23.67 5.95 9.10
CA ALA B 228 -24.28 7.10 9.70
C ALA B 228 -25.74 6.85 10.03
N LYS B 229 -26.44 5.99 9.30
CA LYS B 229 -27.85 5.69 9.57
C LYS B 229 -28.03 4.39 10.37
N HIS B 230 -26.98 3.88 10.98
CA HIS B 230 -26.98 2.54 11.59
C HIS B 230 -27.96 2.42 12.73
N GLY B 231 -27.85 3.34 13.70
CA GLY B 231 -28.78 3.38 14.81
C GLY B 231 -30.22 3.43 14.43
N SER B 232 -30.56 4.28 13.48
CA SER B 232 -31.93 4.45 13.15
C SER B 232 -32.51 3.30 12.30
N ALA B 233 -31.68 2.70 11.46
CA ALA B 233 -32.06 1.50 10.67
C ALA B 233 -32.40 0.37 11.63
N LEU B 234 -31.55 0.19 12.61
CA LEU B 234 -31.72 -0.83 13.65
C LEU B 234 -32.95 -0.63 14.50
N GLU B 235 -33.21 0.62 14.84
CA GLU B 235 -34.38 0.93 15.65
C GLU B 235 -35.67 0.69 14.90
N ALA B 236 -35.74 1.20 13.66
CA ALA B 236 -36.86 1.03 12.77
C ALA B 236 -37.10 -0.48 12.44
N PHE B 237 -36.04 -1.27 12.31
CA PHE B 237 -36.22 -2.71 12.15
C PHE B 237 -36.82 -3.31 13.43
N LEU B 238 -36.20 -3.04 14.58
CA LEU B 238 -36.70 -3.56 15.87
C LEU B 238 -38.16 -3.15 16.13
N ALA B 239 -38.51 -1.95 15.75
CA ALA B 239 -39.92 -1.50 15.88
C ALA B 239 -40.84 -2.24 14.94
N SER B 240 -40.42 -2.38 13.69
CA SER B 240 -41.19 -3.10 12.72
C SER B 240 -41.41 -4.58 13.09
N ALA B 241 -40.43 -5.17 13.79
CA ALA B 241 -40.41 -6.59 14.17
C ALA B 241 -41.30 -6.88 15.39
N ALA B 242 -41.35 -5.94 16.31
CA ALA B 242 -42.23 -6.06 17.48
C ALA B 242 -43.69 -5.93 17.05
N ASP B 243 -43.95 -5.35 15.88
CA ASP B 243 -45.30 -5.20 15.32
C ASP B 243 -45.31 -5.35 13.75
N GLN B 244 -45.18 -6.62 13.32
CA GLN B 244 -45.09 -7.01 11.91
C GLN B 244 -46.49 -7.01 11.30
N SER B 245 -47.40 -7.68 12.01
CA SER B 245 -48.85 -7.73 11.70
C SER B 245 -49.46 -6.37 11.30
N SER B 246 -49.12 -5.32 12.05
CA SER B 246 -49.61 -3.95 11.75
C SER B 246 -49.09 -3.38 10.40
N ASP B 247 -47.86 -3.73 9.97
CA ASP B 247 -47.36 -3.26 8.67
C ASP B 247 -46.32 -4.21 8.04
N GLU B 248 -46.83 -5.19 7.32
CA GLU B 248 -45.97 -6.25 6.78
C GLU B 248 -45.02 -5.74 5.75
N ALA B 249 -45.50 -4.88 4.87
CA ALA B 249 -44.63 -4.30 3.86
C ALA B 249 -43.40 -3.58 4.48
N ALA B 250 -43.60 -2.81 5.53
CA ALA B 250 -42.49 -2.17 6.24
C ALA B 250 -41.52 -3.17 6.82
N PHE B 251 -42.07 -4.23 7.43
CA PHE B 251 -41.27 -5.24 8.05
C PHE B 251 -40.44 -5.95 7.00
N HIS B 252 -41.03 -6.26 5.85
CA HIS B 252 -40.24 -6.90 4.75
C HIS B 252 -39.09 -5.99 4.37
N ARG B 253 -39.39 -4.71 4.18
CA ARG B 253 -38.37 -3.79 3.68
C ARG B 253 -37.27 -3.60 4.73
N MET B 254 -37.62 -3.49 5.99
CA MET B 254 -36.61 -3.30 7.03
C MET B 254 -35.77 -4.56 7.24
N THR B 255 -36.38 -5.73 7.06
CA THR B 255 -35.66 -6.97 7.16
C THR B 255 -34.61 -7.05 6.05
N MET B 256 -34.96 -6.67 4.83
CA MET B 256 -33.98 -6.61 3.72
C MET B 256 -32.80 -5.67 4.10
N GLU B 257 -33.16 -4.49 4.59
CA GLU B 257 -32.12 -3.50 4.93
C GLU B 257 -31.21 -4.01 6.05
N ILE B 258 -31.80 -4.68 7.05
CA ILE B 258 -31.02 -5.15 8.15
C ILE B 258 -30.12 -6.34 7.71
N ILE B 259 -30.60 -7.16 6.75
CA ILE B 259 -29.83 -8.30 6.33
C ILE B 259 -28.62 -7.84 5.47
N LEU B 260 -28.83 -6.82 4.60
CA LEU B 260 -27.67 -6.30 3.89
C LEU B 260 -26.72 -5.67 4.87
N LYS B 261 -27.21 -4.86 5.80
CA LYS B 261 -26.35 -4.34 6.88
C LYS B 261 -25.57 -5.42 7.60
N ALA B 262 -26.29 -6.47 7.99
CA ALA B 262 -25.69 -7.56 8.73
C ALA B 262 -24.58 -8.25 7.95
N GLY B 263 -24.82 -8.46 6.67
CA GLY B 263 -23.80 -9.01 5.82
C GLY B 263 -22.60 -8.10 5.68
N ASP B 264 -22.84 -6.79 5.65
CA ASP B 264 -21.79 -5.81 5.46
C ASP B 264 -20.90 -5.72 6.67
N ILE B 265 -21.43 -5.94 7.89
CA ILE B 265 -20.60 -5.97 9.08
C ILE B 265 -20.40 -7.38 9.67
N SER B 266 -20.48 -8.38 8.83
CA SER B 266 -20.39 -9.76 9.18
C SER B 266 -18.97 -10.32 9.41
N ASN B 267 -17.91 -9.52 9.15
CA ASN B 267 -16.56 -10.12 9.22
C ASN B 267 -16.26 -10.69 10.64
N VAL B 268 -16.75 -10.02 11.66
CA VAL B 268 -16.55 -10.49 13.01
C VAL B 268 -17.33 -11.78 13.36
N THR B 269 -18.21 -12.28 12.49
CA THR B 269 -19.04 -13.48 12.80
C THR B 269 -18.41 -14.71 12.19
N LYS B 270 -17.21 -14.56 11.60
CA LYS B 270 -16.61 -15.60 10.88
C LYS B 270 -15.59 -16.37 11.75
N PRO B 271 -15.22 -17.57 11.29
CA PRO B 271 -14.09 -18.28 11.99
C PRO B 271 -12.87 -17.39 12.10
N PHE B 272 -12.19 -17.49 13.26
CA PHE B 272 -11.23 -16.49 13.65
C PHE B 272 -10.19 -16.21 12.60
N ASP B 273 -9.64 -17.21 11.96
CA ASP B 273 -8.55 -16.94 10.98
C ASP B 273 -9.09 -16.10 9.79
N ILE B 274 -10.30 -16.42 9.35
CA ILE B 274 -10.98 -15.63 8.30
C ILE B 274 -11.22 -14.20 8.80
N SER B 275 -11.77 -14.08 10.00
CA SER B 275 -12.08 -12.80 10.58
C SER B 275 -10.85 -11.89 10.70
N ARG B 276 -9.76 -12.47 11.15
CA ARG B 276 -8.48 -11.73 11.25
C ARG B 276 -8.00 -11.21 9.88
N GLN B 277 -8.08 -12.04 8.86
CA GLN B 277 -7.64 -11.60 7.55
C GLN B 277 -8.51 -10.39 7.07
N TRP B 278 -9.82 -10.46 7.24
CA TRP B 278 -10.66 -9.27 6.94
C TRP B 278 -10.18 -8.05 7.73
N ALA B 279 -9.92 -8.22 9.02
CA ALA B 279 -9.57 -7.12 9.89
C ALA B 279 -8.24 -6.45 9.39
N MET B 280 -7.30 -7.27 8.95
CA MET B 280 -6.02 -6.73 8.41
C MET B 280 -6.33 -5.88 7.15
N ALA B 281 -7.19 -6.41 6.26
CA ALA B 281 -7.54 -5.70 5.00
C ALA B 281 -8.25 -4.39 5.26
N VAL B 282 -9.21 -4.36 6.20
CA VAL B 282 -9.92 -3.13 6.46
C VAL B 282 -9.02 -2.07 7.15
N THR B 283 -8.16 -2.53 8.06
CA THR B 283 -7.19 -1.69 8.71
C THR B 283 -6.20 -1.02 7.73
N GLU B 284 -5.69 -1.79 6.79
CA GLU B 284 -4.79 -1.22 5.76
C GLU B 284 -5.52 -0.15 4.93
N GLU B 285 -6.77 -0.41 4.55
CA GLU B 285 -7.54 0.59 3.82
C GLU B 285 -7.73 1.81 4.63
N PHE B 286 -8.08 1.70 5.91
CA PHE B 286 -8.23 2.86 6.75
C PHE B 286 -6.96 3.69 6.88
N TYR B 287 -5.85 3.00 7.04
CA TYR B 287 -4.60 3.70 7.20
C TYR B 287 -4.20 4.43 5.92
N ARG B 288 -4.47 3.86 4.77
CA ARG B 288 -4.29 4.56 3.49
C ARG B 288 -5.20 5.79 3.37
N GLN B 289 -6.39 5.75 3.96
CA GLN B 289 -7.21 6.95 3.99
C GLN B 289 -6.55 8.02 4.84
N GLY B 290 -6.05 7.62 6.00
CA GLY B 290 -5.30 8.51 6.82
C GLY B 290 -4.09 9.11 6.11
N ASP B 291 -3.36 8.30 5.35
CA ASP B 291 -2.22 8.85 4.57
C ASP B 291 -2.70 9.91 3.58
N MET B 292 -3.80 9.64 2.87
CA MET B 292 -4.37 10.61 1.95
C MET B 292 -4.88 11.89 2.68
N GLU B 293 -5.38 11.75 3.90
CA GLU B 293 -5.79 12.87 4.65
C GLU B 293 -4.59 13.74 5.06
N LYS B 294 -3.48 13.09 5.44
CA LYS B 294 -2.22 13.83 5.73
C LYS B 294 -1.83 14.64 4.48
N GLU B 295 -1.89 14.01 3.32
CA GLU B 295 -1.63 14.74 2.02
C GLU B 295 -2.53 15.95 1.77
N ARG B 296 -3.83 15.84 2.12
CA ARG B 296 -4.75 16.94 2.00
C ARG B 296 -4.66 17.92 3.13
N GLY B 297 -3.90 17.65 4.18
CA GLY B 297 -3.88 18.53 5.37
C GLY B 297 -5.16 18.60 6.22
N VAL B 298 -5.87 17.49 6.34
CA VAL B 298 -7.07 17.46 7.17
C VAL B 298 -6.83 16.55 8.34
N GLU B 299 -7.73 16.63 9.36
CA GLU B 299 -7.62 15.78 10.56
C GLU B 299 -7.63 14.32 10.23
N VAL B 300 -6.72 13.55 10.85
CA VAL B 300 -6.76 12.13 10.78
C VAL B 300 -7.28 11.58 12.10
N LEU B 301 -8.34 10.78 12.07
CA LEU B 301 -8.85 10.23 13.36
C LEU B 301 -7.89 9.10 13.76
N PRO B 302 -7.76 8.80 15.05
CA PRO B 302 -6.91 7.67 15.50
C PRO B 302 -7.03 6.33 14.80
N MET B 303 -8.23 5.89 14.50
CA MET B 303 -8.45 4.59 13.80
C MET B 303 -7.82 4.58 12.40
N PHE B 304 -7.55 5.77 11.84
CA PHE B 304 -7.04 5.89 10.46
C PHE B 304 -5.53 6.24 10.42
N ASP B 305 -4.87 6.30 11.58
CA ASP B 305 -3.58 6.99 11.72
C ASP B 305 -2.56 5.89 11.99
N ARG B 306 -1.89 5.46 10.92
CA ARG B 306 -0.81 4.46 10.94
C ARG B 306 0.23 4.70 12.02
N SER B 307 0.44 5.97 12.38
CA SER B 307 1.53 6.37 13.26
C SER B 307 1.27 6.08 14.74
N LYS B 308 0.07 5.63 15.09
CA LYS B 308 -0.22 5.21 16.47
C LYS B 308 0.15 3.75 16.71
N ASN B 309 0.40 3.00 15.63
CA ASN B 309 0.76 1.58 15.70
C ASN B 309 -0.19 0.79 16.65
N MET B 310 -1.48 1.17 16.72
CA MET B 310 -2.48 0.46 17.53
C MET B 310 -2.48 -1.00 17.09
N GLU B 311 -2.78 -1.90 18.02
CA GLU B 311 -2.74 -3.34 17.73
C GLU B 311 -4.06 -3.65 17.01
N LEU B 312 -3.99 -4.54 16.04
CA LEU B 312 -5.17 -4.99 15.34
C LEU B 312 -6.32 -5.44 16.33
N ALA B 313 -5.99 -6.14 17.43
CA ALA B 313 -6.98 -6.69 18.38
C ALA B 313 -7.80 -5.63 19.06
N LYS B 314 -7.16 -4.52 19.43
CA LYS B 314 -7.89 -3.41 20.06
C LYS B 314 -9.01 -2.83 19.20
N GLY B 315 -8.74 -2.69 17.92
CA GLY B 315 -9.72 -2.17 17.01
C GLY B 315 -10.90 -3.13 16.87
N GLN B 316 -10.58 -4.41 16.72
CA GLN B 316 -11.60 -5.47 16.59
C GLN B 316 -12.49 -5.65 17.87
N ILE B 317 -11.88 -5.70 19.06
CA ILE B 317 -12.66 -5.70 20.30
C ILE B 317 -13.54 -4.50 20.46
N GLY B 318 -13.03 -3.30 20.11
CA GLY B 318 -13.85 -2.10 20.19
C GLY B 318 -15.06 -2.17 19.24
N PHE B 319 -14.83 -2.60 17.99
CA PHE B 319 -15.91 -2.65 17.03
C PHE B 319 -16.94 -3.70 17.54
N ILE B 320 -16.42 -4.83 18.01
CA ILE B 320 -17.32 -5.80 18.67
C ILE B 320 -18.19 -5.22 19.79
N ASP B 321 -17.57 -4.55 20.75
CA ASP B 321 -18.33 -4.02 21.89
C ASP B 321 -19.33 -2.95 21.64
N PHE B 322 -18.98 -1.97 20.78
CA PHE B 322 -19.82 -0.81 20.55
C PHE B 322 -20.75 -0.97 19.35
N VAL B 323 -20.40 -1.82 18.41
CA VAL B 323 -21.20 -1.96 17.17
C VAL B 323 -21.72 -3.37 16.94
N ALA B 324 -20.85 -4.34 16.71
CA ALA B 324 -21.31 -5.62 16.16
C ALA B 324 -22.05 -6.52 17.16
N ALA B 325 -21.50 -6.70 18.34
CA ALA B 325 -22.22 -7.57 19.34
C ALA B 325 -23.59 -7.02 19.70
N PRO B 326 -23.73 -5.72 20.01
CA PRO B 326 -25.11 -5.27 20.21
C PRO B 326 -26.05 -5.44 18.99
N PHE B 327 -25.53 -5.21 17.77
CA PHE B 327 -26.38 -5.31 16.58
C PHE B 327 -26.83 -6.73 16.39
N PHE B 328 -25.92 -7.70 16.41
CA PHE B 328 -26.26 -9.08 16.17
C PHE B 328 -27.15 -9.61 17.33
N GLN B 329 -26.87 -9.22 18.56
CA GLN B 329 -27.70 -9.72 19.67
C GLN B 329 -29.12 -9.19 19.54
N LYS B 330 -29.25 -7.93 19.21
CA LYS B 330 -30.55 -7.33 19.17
C LYS B 330 -31.42 -7.91 18.04
N ILE B 331 -30.85 -8.06 16.86
CA ILE B 331 -31.66 -8.62 15.76
C ILE B 331 -31.97 -10.08 15.93
N VAL B 332 -31.06 -10.88 16.46
CA VAL B 332 -31.31 -12.28 16.76
C VAL B 332 -32.43 -12.41 17.80
N ASP B 333 -32.36 -11.64 18.87
CA ASP B 333 -33.41 -11.70 19.92
C ASP B 333 -34.75 -11.22 19.43
N ALA B 334 -34.79 -10.20 18.58
CA ALA B 334 -36.03 -9.57 18.19
C ALA B 334 -36.81 -10.47 17.26
N CYS B 335 -36.13 -11.34 16.53
CA CYS B 335 -36.72 -11.85 15.35
C CYS B 335 -35.97 -12.98 14.67
N LEU B 336 -34.66 -12.81 14.50
CA LEU B 336 -33.84 -13.67 13.65
C LEU B 336 -33.12 -14.74 14.42
N GLN B 337 -33.93 -15.61 15.08
CA GLN B 337 -33.37 -16.57 16.01
C GLN B 337 -32.47 -17.55 15.38
N GLY B 338 -32.71 -17.84 14.10
CA GLY B 338 -31.84 -18.76 13.40
C GLY B 338 -30.42 -18.28 13.14
N MET B 339 -30.13 -17.01 13.39
CA MET B 339 -28.78 -16.46 13.20
C MET B 339 -28.03 -16.40 14.52
N GLN B 340 -28.51 -17.13 15.54
CA GLN B 340 -27.75 -17.23 16.81
C GLN B 340 -26.23 -17.48 16.68
N TRP B 341 -25.77 -18.30 15.73
CA TRP B 341 -24.37 -18.59 15.58
C TRP B 341 -23.49 -17.32 15.40
N THR B 342 -24.09 -16.22 14.95
CA THR B 342 -23.33 -14.99 14.73
C THR B 342 -22.93 -14.39 16.09
N VAL B 343 -23.86 -14.43 17.03
CA VAL B 343 -23.63 -13.96 18.37
C VAL B 343 -22.58 -14.87 19.01
N ASP B 344 -22.71 -16.18 18.86
CA ASP B 344 -21.78 -17.12 19.44
C ASP B 344 -20.37 -16.88 18.89
N ARG B 345 -20.24 -16.71 17.55
CA ARG B 345 -18.93 -16.47 16.96
C ARG B 345 -18.28 -15.14 17.33
N ILE B 346 -19.07 -14.09 17.44
CA ILE B 346 -18.56 -12.79 17.88
C ILE B 346 -17.96 -12.93 19.30
N LYS B 347 -18.68 -13.63 20.19
CA LYS B 347 -18.16 -13.95 21.53
C LYS B 347 -16.84 -14.71 21.46
N SER B 348 -16.77 -15.80 20.72
CA SER B 348 -15.54 -16.58 20.68
C SER B 348 -14.39 -15.79 20.03
N ASN B 349 -14.67 -14.96 19.03
CA ASN B 349 -13.63 -14.15 18.46
C ASN B 349 -13.14 -13.08 19.40
N ARG B 350 -14.02 -12.41 20.15
CA ARG B 350 -13.63 -11.40 21.10
C ARG B 350 -12.67 -12.00 22.12
N ALA B 351 -12.98 -13.22 22.58
CA ALA B 351 -12.08 -13.92 23.49
C ALA B 351 -10.75 -14.29 22.84
N GLN B 352 -10.74 -14.69 21.56
CA GLN B 352 -9.49 -14.96 20.83
C GLN B 352 -8.63 -13.69 20.61
N TRP B 353 -9.27 -12.54 20.40
CA TRP B 353 -8.53 -11.26 20.30
C TRP B 353 -7.90 -10.87 21.68
N GLU B 354 -8.60 -11.13 22.77
CA GLU B 354 -8.03 -10.87 24.10
C GLU B 354 -6.83 -11.77 24.39
N ARG B 355 -6.86 -13.01 23.92
CA ARG B 355 -5.70 -13.91 23.96
C ARG B 355 -4.54 -13.46 23.10
N VAL B 356 -4.84 -12.84 21.96
CA VAL B 356 -3.81 -12.28 21.10
C VAL B 356 -3.10 -11.12 21.82
N LEU B 357 -3.86 -10.26 22.49
CA LEU B 357 -3.28 -9.16 23.26
C LEU B 357 -2.28 -9.57 24.34
N GLU B 358 -2.52 -10.68 25.04
CA GLU B 358 -1.72 -10.97 26.24
C GLU B 358 -0.41 -11.75 25.98
N THR B 359 0.10 -11.77 24.74
CA THR B 359 1.43 -12.36 24.49
C THR B 359 2.58 -11.46 24.95
C GAI C . 44.63 2.13 6.33
N1 GAI C . 44.16 3.21 5.67
N2 GAI C . 45.98 1.99 6.41
N3 GAI C . 43.81 1.25 6.80
C GAI D . -7.03 0.74 -9.07
N1 GAI D . -5.84 0.73 -9.72
N2 GAI D . -8.10 0.18 -9.58
N3 GAI D . -7.10 1.25 -7.93
O3 D68 E . 10.90 11.89 -5.20
C25 D68 E . 18.39 13.46 -7.18
N2 D68 E . 15.16 14.62 -12.92
C8 D68 E . 15.94 13.37 -12.90
C7 D68 E . 13.91 14.78 -13.45
C9 D68 E . 16.24 12.96 -11.46
C10 D68 E . 16.89 14.09 -10.68
C11 D68 E . 15.97 12.93 -7.43
C6 D68 E . 13.28 13.55 -14.08
C5 D68 E . 12.02 14.21 -16.11
C4 D68 E . 10.72 14.57 -16.77
C3 D68 E . 10.03 16.45 -15.27
N1 D68 E . 12.00 13.88 -14.73
C2 D68 E . 9.64 15.07 -15.81
C1 D68 E . 8.28 15.16 -16.54
C14 D68 E . 13.35 11.54 -5.05
C13 D68 E . 14.59 11.83 -5.60
C12 D68 E . 14.69 12.62 -6.74
N3 D68 E . 17.09 13.77 -9.24
O1 D68 E . 13.07 14.27 -16.72
O2 D68 E . 13.27 15.85 -13.39
C15 D68 E . 12.19 12.04 -5.63
C24 D68 E . 19.72 12.93 -6.62
C23 D68 E . 19.99 11.52 -7.05
C18 D68 E . 10.65 14.46 -7.72
C17 D68 E . 12.27 12.84 -6.80
C16 D68 E . 10.54 10.90 -4.38
C22 D68 E . 19.03 10.67 -7.44
C21 D68 E . 17.58 11.04 -7.46
C20 D68 E . 17.28 12.41 -6.85
C19 D68 E . 13.51 13.06 -7.37
N4 D68 E . 15.90 13.55 -8.55
F1 D68 E . 11.03 9.72 -4.86
F2 D68 E . 11.12 11.10 -3.16
O4 D68 E . 11.07 13.23 -7.32
F3 D68 E . 11.66 15.15 -8.22
F4 D68 E . 9.85 14.29 -8.78
C26 D68 E . 18.35 13.73 -8.66
O5 D68 E . 19.36 13.85 -9.34
C27 D68 E . 16.10 15.39 -10.79
C28 D68 E . 15.85 15.74 -12.25
C29 D68 E . 10.85 13.96 -13.91
O6 D68 E . 10.93 14.06 -12.69
C30 D68 E . 9.55 14.07 -14.65
ZN ZN F . 21.82 9.80 -2.69
MG MG G . 24.23 11.89 -4.79
C FMT H . 39.40 -3.72 12.16
O1 FMT H . 40.17 -3.57 11.20
O2 FMT H . 39.53 -4.80 12.98
C FMT I . 42.41 -5.88 11.00
O1 FMT I . 43.02 -5.09 10.29
O2 FMT I . 41.70 -6.87 10.41
C FMT J . 15.47 -14.82 -7.84
O1 FMT J . 14.97 -14.59 -6.73
O2 FMT J . 16.15 -13.81 -8.44
C FMT K . 20.37 -6.56 -26.03
O1 FMT K . 21.36 -6.21 -25.40
O2 FMT K . 20.24 -7.84 -26.38
C GAI L . 32.09 -1.29 -15.42
N1 GAI L . 31.40 -0.29 -15.05
N2 GAI L . 33.05 -1.74 -14.64
N3 GAI L . 31.87 -1.90 -16.59
C GAI M . 38.63 -12.63 2.69
N1 GAI M . 39.53 -11.65 2.92
N2 GAI M . 38.39 -13.11 1.55
N3 GAI M . 37.95 -13.13 3.73
C GAI N . 18.78 -19.90 -7.23
N1 GAI N . 19.46 -19.77 -8.36
N2 GAI N . 18.73 -21.10 -6.65
N3 GAI N . 18.17 -18.91 -6.74
C1 GOL O . -39.68 -17.59 1.27
O1 GOL O . -38.55 -16.85 0.66
C2 GOL O . -40.11 -18.98 0.82
O2 GOL O . -39.12 -19.67 0.26
C3 GOL O . -40.84 -19.89 1.77
O3 GOL O . -40.98 -21.32 1.24
C1 GOL P . -36.20 -18.34 13.11
O1 GOL P . -35.60 -19.65 13.09
C2 GOL P . -35.99 -17.77 11.71
O2 GOL P . -37.20 -17.78 10.92
C3 GOL P . -35.39 -16.36 11.74
O3 GOL P . -33.97 -16.42 11.81
C1 GOL Q . -33.73 -23.99 4.45
O1 GOL Q . -34.89 -24.16 3.67
C2 GOL Q . -32.70 -24.91 3.82
O2 GOL Q . -31.41 -24.54 4.27
C3 GOL Q . -32.67 -24.94 2.27
O3 GOL Q . -32.28 -23.69 1.61
ZN ZN R . -19.78 -3.01 2.02
MG MG S . -20.42 0.63 1.57
C GAI T . -38.48 -4.22 -18.24
N1 GAI T . -37.35 -3.77 -18.79
N2 GAI T . -38.62 -5.53 -18.09
N3 GAI T . -39.38 -3.43 -17.88
C GAI U . -25.31 -23.26 10.81
N1 GAI U . -24.43 -22.76 11.57
N2 GAI U . -26.61 -23.13 11.08
N3 GAI U . -24.93 -23.95 9.73
C1 GOL V . -43.25 -16.71 -6.55
O1 GOL V . -42.05 -16.13 -5.99
C2 GOL V . -43.20 -16.79 -8.10
O2 GOL V . -43.13 -15.46 -8.58
C3 GOL V . -41.96 -17.49 -8.64
O3 GOL V . -41.56 -18.61 -7.81
#